data_6O1V
#
_entry.id   6O1V
#
_cell.length_a   1
_cell.length_b   1
_cell.length_c   1
_cell.angle_alpha   90
_cell.angle_beta   90
_cell.angle_gamma   90
#
_symmetry.space_group_name_H-M   'P 1'
#
loop_
_entity.id
_entity.type
_entity.pdbx_description
1 polymer 'Cystic fibrosis transmembrane conductance regulator'
2 polymer 'Unknown Peptide'
3 non-polymer N-(3-carbamoyl-5,5,7,7-tetramethyl-4,7-dihydro-5H-thieno[2,3-c]pyran-2-yl)-1H-pyrazole-3-carboxamide
4 non-polymer 'MAGNESIUM ION'
5 non-polymer "ADENOSINE-5'-TRIPHOSPHATE"
6 non-polymer '(2S)-3-(hexadecanoyloxy)-2-[(9Z)-octadec-9-enoyloxy]propyl 2-(trimethylammonio)ethyl phosphate'
7 non-polymer CHOLESTEROL
#
loop_
_entity_poly.entity_id
_entity_poly.type
_entity_poly.pdbx_seq_one_letter_code
_entity_poly.pdbx_strand_id
1 'polypeptide(L)'
;MQRSPLEKASVVSKLFFSWTRPILRKGYRQRLELSDIYQIPSVDSADNLSEKLEREWDRELASKKNPKLINALRRCFFWR
FMFYGIFLYLGEVTKAVQPLLLGRIIASYDPDNKEERSIAIYLGIGLCLLFIVRTLLLHPAIFGLHHIGMQMRIAMFSLI
YKKTLKLSSRVLDKISIGQLVSLLSNNLNKFDEGLALAHFVWIAPLQVALLMGLIWELLQASAFCGLGFLIVLALFQAGL
GRMMMKYRDQRAGKISERLVITSEMIENIQSVKAYCWEEAMEKMIENLRQTELKLTRKAAYVRYFNSSAFFFSGFFVVFL
SVLPYALIKGIILRKIFTTISFCIVLRMAVTRQFPWAVQTWYDSLGAINKIQDFLQKQEYKTLEYNLTTTEVVMENVTAF
WEEGFGELFEKAKQNNNNRKTSNGDDSLFFSNFSLLGTPVLKDINFKIERGQLLAVAGSTGAGKTSLLMVIMGELEPSEG
KIKHSGRISFCSQFSWIMPGTIKENIIFGVSYDEYRYRSVIKACQLEEDISKFAEKDNIVLGEGGITLSGGQRARISLAR
AVYKDADLYLLDSPFGYLDVLTEKEIFESCVCKLMANKTRILVTSKMEHLKKADKILILHEGSSYFYGTFSELQNLQPDF
SSKLMGCDSFDQFSAERRNSILTETLHRFSLEGDAPVSWTETKKQSFKQTGEFGEKRKNSILNPINSIRKFSIVQKTPLQ
MNGIEEDSDEPLERRLSLVPDSEQGEAILPRISVISTGPTLQARRRQSVLNLMTHSVNQGQNIHRKTTASTRKVSLAPQA
NLTELDIYSRRLSQETGLEISEEINEEDLKECFFDDMESIPAVTTWNTYLRYITVHKSLIFVLIWCLVIFLAEVAASLVV
LWLLGNTPLQDKGNSTHSRNNSYAVIITSTSSYYVFYIYVGVADTLLAMGFFRGLPLVHTLITVSKILHHKMLHSVLQAP
MSTLNTLKAGGILNRFSKDIAILDDLLPLTIFDFIQLLLIVIGAIAVVAVLQPYIFVATVPVIVAFIMLRAYFLQTSQQL
KQLESEGRSPIFTHLVTSLKGLWTLRAFGRQPYFETLFHKALNLHTANWFLYLSTLRWFQMRIEMIFVIFFIAVTFISIL
TTGEGEGRVGIILTLAMNIMSTLQWAVNSSIDVDSLMRSVSRVFKFIDMPTEGKPTKSTKPYKNGQLSKVMIIENSHVKK
DDIWPSGGQMTVKDLTAKYTEGGNAILENISFSISPGQRVGLLGRTGSGKSTLLSAFLRLLNTEGEIQIDGVSWDSITLQ
QWRKAFGVIPQKVFIFSGTFRKNLDPYEQWSDQEIWKVADEVGLRSVIEQFPGKLDFVLVDGGCVLSHGHKQLMCLARSV
LSKAKILLLDQPSAHLDPVTYQIIRRTLKQAFADCTVILCEHRIEAMLECQQFLVIEENKVRQYDSIQKLLNERSLFRQA
ISPSDRVKLFPHRNSSKCKSKPQIAALKEETEEEVQDTRLSNSLEVLFQ
;
A
2 'polypeptide(L)'
;(UNK)(UNK)(UNK)(UNK)(UNK)(UNK)(UNK)(UNK)(UNK)(UNK)(UNK)(UNK)(UNK)(UNK)(UNK)(UNK)
(UNK)
;
B
#
# COMPACT_ATOMS: atom_id res chain seq x y z
N MET A 1 -9.84 14.15 22.43
CA MET A 1 -10.59 13.01 21.83
C MET A 1 -11.99 12.91 22.46
N GLN A 2 -13.03 13.23 21.68
CA GLN A 2 -14.46 13.07 22.07
C GLN A 2 -14.83 11.58 21.96
N ARG A 3 -15.58 11.06 22.94
CA ARG A 3 -16.08 9.65 22.94
C ARG A 3 -17.21 9.50 21.93
N SER A 4 -17.43 8.27 21.46
CA SER A 4 -18.39 7.91 20.38
C SER A 4 -19.81 8.23 20.80
N PRO A 5 -20.62 8.92 19.94
CA PRO A 5 -22.02 9.18 20.25
C PRO A 5 -22.95 7.96 20.10
N LEU A 6 -22.45 6.87 19.50
CA LEU A 6 -23.20 5.59 19.36
C LEU A 6 -23.46 4.97 20.75
N GLU A 7 -22.55 5.21 21.71
CA GLU A 7 -22.57 4.62 23.08
C GLU A 7 -23.86 4.99 23.81
N LYS A 8 -24.22 6.28 23.82
CA LYS A 8 -25.41 6.79 24.53
C LYS A 8 -26.40 7.31 23.47
N ALA A 9 -27.35 6.45 23.08
CA ALA A 9 -28.38 6.75 22.06
C ALA A 9 -29.61 5.86 22.28
N SER A 10 -30.80 6.41 22.05
CA SER A 10 -32.09 5.66 22.04
C SER A 10 -32.10 4.70 20.84
N VAL A 11 -32.89 3.63 20.94
CA VAL A 11 -33.05 2.60 19.86
C VAL A 11 -33.49 3.32 18.58
N VAL A 12 -34.41 4.28 18.67
CA VAL A 12 -34.84 5.14 17.54
C VAL A 12 -33.59 5.78 16.91
N SER A 13 -32.67 6.32 17.73
CA SER A 13 -31.45 6.98 17.22
C SER A 13 -30.56 5.95 16.51
N LYS A 14 -30.49 4.71 17.02
CA LYS A 14 -29.69 3.62 16.41
C LYS A 14 -30.46 2.94 15.27
N LEU A 15 -31.78 3.15 15.17
CA LEU A 15 -32.65 2.54 14.13
C LEU A 15 -32.78 3.49 12.92
N PHE A 16 -33.00 4.78 13.18
CA PHE A 16 -33.18 5.84 12.15
C PHE A 16 -31.84 6.51 11.82
N PHE A 17 -30.75 6.14 12.51
CA PHE A 17 -29.38 6.72 12.36
C PHE A 17 -29.44 8.24 12.50
N SER A 18 -29.85 8.72 13.67
CA SER A 18 -29.89 10.16 14.02
C SER A 18 -28.60 10.59 14.74
N TRP A 19 -27.80 9.62 15.20
CA TRP A 19 -26.56 9.88 15.97
C TRP A 19 -25.45 10.38 15.06
N THR A 20 -25.50 10.08 13.76
CA THR A 20 -24.51 10.56 12.75
C THR A 20 -24.85 11.99 12.31
N ARG A 21 -25.97 12.56 12.77
CA ARG A 21 -26.55 13.85 12.27
C ARG A 21 -25.61 15.03 12.52
N PRO A 22 -24.96 15.16 13.70
CA PRO A 22 -24.13 16.33 14.01
C PRO A 22 -23.02 16.63 12.98
N ILE A 23 -22.27 15.60 12.57
CA ILE A 23 -21.05 15.74 11.73
C ILE A 23 -21.43 16.23 10.32
N LEU A 24 -22.68 16.00 9.89
CA LEU A 24 -23.14 16.45 8.54
C LEU A 24 -23.27 17.98 8.50
N ARG A 25 -23.98 18.59 9.45
CA ARG A 25 -24.20 20.06 9.55
C ARG A 25 -22.89 20.76 9.96
N LYS A 26 -22.04 20.05 10.73
CA LYS A 26 -20.67 20.52 11.06
C LYS A 26 -19.84 20.53 9.78
N GLY A 27 -19.91 19.46 8.98
CA GLY A 27 -19.14 19.24 7.75
C GLY A 27 -19.69 19.99 6.54
N TYR A 28 -20.98 20.33 6.54
CA TYR A 28 -21.66 21.04 5.42
C TYR A 28 -21.15 22.48 5.34
N ARG A 29 -21.19 23.20 6.47
CA ARG A 29 -20.71 24.59 6.63
C ARG A 29 -19.18 24.63 6.43
N GLN A 30 -18.45 23.93 7.30
CA GLN A 30 -17.04 24.20 7.66
C GLN A 30 -16.19 23.05 7.11
N ARG A 31 -14.87 23.21 7.04
CA ARG A 31 -13.92 22.09 6.83
C ARG A 31 -13.92 21.24 8.11
N LEU A 32 -13.76 19.91 7.98
CA LEU A 32 -13.84 18.94 9.12
C LEU A 32 -12.72 19.22 10.13
N GLU A 33 -13.04 19.12 11.42
CA GLU A 33 -12.10 19.37 12.55
C GLU A 33 -11.72 18.06 13.23
N LEU A 34 -10.45 17.95 13.62
CA LEU A 34 -9.86 16.72 14.21
C LEU A 34 -10.62 16.35 15.49
N SER A 35 -10.97 17.36 16.29
CA SER A 35 -11.86 17.28 17.47
C SER A 35 -13.16 16.53 17.12
N ASP A 36 -13.76 16.85 15.95
CA ASP A 36 -15.10 16.34 15.56
C ASP A 36 -15.04 14.84 15.26
N ILE A 37 -13.89 14.30 14.86
CA ILE A 37 -13.70 12.82 14.68
C ILE A 37 -13.87 12.17 16.05
N TYR A 38 -14.65 11.08 16.12
CA TYR A 38 -15.03 10.39 17.38
C TYR A 38 -14.07 9.22 17.62
N GLN A 39 -13.76 8.94 18.89
CA GLN A 39 -13.02 7.73 19.33
C GLN A 39 -13.86 6.49 19.01
N ILE A 40 -13.22 5.42 18.52
CA ILE A 40 -13.87 4.12 18.15
C ILE A 40 -14.68 3.60 19.35
N PRO A 41 -15.79 2.84 19.13
CA PRO A 41 -16.44 2.11 20.22
C PRO A 41 -15.57 1.03 20.87
N SER A 42 -15.86 0.72 22.14
CA SER A 42 -15.15 -0.26 22.99
C SER A 42 -15.29 -1.68 22.40
N VAL A 43 -16.37 -1.93 21.66
CA VAL A 43 -16.72 -3.25 21.05
C VAL A 43 -15.63 -3.61 20.02
N ASP A 44 -15.31 -2.70 19.10
CA ASP A 44 -14.46 -2.98 17.90
C ASP A 44 -13.15 -2.19 18.00
N SER A 45 -12.43 -2.34 19.13
CA SER A 45 -11.00 -1.95 19.27
C SER A 45 -10.11 -3.08 18.77
N ALA A 46 -8.83 -2.79 18.54
CA ALA A 46 -7.81 -3.77 18.07
C ALA A 46 -7.59 -4.83 19.15
N ASP A 47 -7.42 -4.42 20.41
CA ASP A 47 -6.95 -5.28 21.53
C ASP A 47 -7.90 -6.46 21.72
N ASN A 48 -9.21 -6.19 21.82
CA ASN A 48 -10.25 -7.19 22.18
C ASN A 48 -10.43 -8.20 21.03
N LEU A 49 -10.51 -7.70 19.78
CA LEU A 49 -10.71 -8.54 18.58
C LEU A 49 -9.49 -9.45 18.39
N SER A 50 -8.28 -8.93 18.63
CA SER A 50 -7.03 -9.73 18.73
C SER A 50 -7.19 -10.73 19.89
N GLU A 51 -7.51 -10.21 21.08
CA GLU A 51 -7.73 -10.99 22.33
C GLU A 51 -8.62 -12.19 21.98
N LYS A 52 -9.81 -11.91 21.46
CA LYS A 52 -10.94 -12.86 21.23
C LYS A 52 -10.52 -14.00 20.29
N LEU A 53 -10.09 -13.64 19.07
CA LEU A 53 -9.76 -14.60 17.97
C LEU A 53 -8.42 -15.29 18.26
N GLU A 54 -7.48 -14.59 18.90
CA GLU A 54 -6.20 -15.20 19.37
C GLU A 54 -6.54 -16.39 20.27
N ARG A 55 -7.47 -16.19 21.22
CA ARG A 55 -7.93 -17.22 22.18
C ARG A 55 -8.56 -18.41 21.44
N GLU A 56 -9.39 -18.16 20.41
CA GLU A 56 -10.09 -19.21 19.63
C GLU A 56 -9.11 -19.97 18.72
N TRP A 57 -8.14 -19.27 18.12
CA TRP A 57 -7.22 -19.86 17.11
C TRP A 57 -6.27 -20.90 17.75
N ASP A 58 -5.77 -20.63 18.96
CA ASP A 58 -4.90 -21.57 19.71
C ASP A 58 -5.74 -22.76 20.21
N ARG A 59 -7.00 -22.49 20.57
CA ARG A 59 -7.99 -23.53 20.93
C ARG A 59 -8.18 -24.43 19.70
N GLU A 60 -8.27 -23.81 18.51
CA GLU A 60 -8.40 -24.50 17.20
C GLU A 60 -7.12 -25.30 16.90
N LEU A 61 -5.94 -24.73 17.15
CA LEU A 61 -4.63 -25.41 16.93
C LEU A 61 -4.47 -26.58 17.91
N ALA A 62 -4.93 -26.42 19.15
CA ALA A 62 -4.82 -27.42 20.23
C ALA A 62 -5.68 -28.65 19.92
N SER A 63 -6.94 -28.43 19.55
CA SER A 63 -8.00 -29.47 19.41
C SER A 63 -7.79 -30.27 18.13
N LYS A 64 -8.03 -29.65 16.97
CA LYS A 64 -8.20 -30.36 15.66
C LYS A 64 -6.83 -30.82 15.15
N LYS A 65 -6.83 -31.81 14.25
CA LYS A 65 -5.62 -32.43 13.65
C LYS A 65 -5.13 -31.56 12.48
N ASN A 66 -6.06 -31.13 11.62
CA ASN A 66 -5.82 -30.15 10.51
C ASN A 66 -6.73 -28.95 10.76
N PRO A 67 -6.23 -27.89 11.43
CA PRO A 67 -7.07 -26.77 11.83
C PRO A 67 -7.41 -25.82 10.67
N LYS A 68 -8.54 -25.13 10.76
CA LYS A 68 -9.03 -24.16 9.73
C LYS A 68 -9.44 -22.85 10.42
N LEU A 69 -9.07 -21.71 9.83
CA LEU A 69 -9.26 -20.36 10.44
C LEU A 69 -10.75 -20.00 10.42
N ILE A 70 -11.48 -20.46 9.41
CA ILE A 70 -12.96 -20.24 9.27
C ILE A 70 -13.67 -20.81 10.51
N ASN A 71 -13.22 -21.95 11.04
CA ASN A 71 -13.81 -22.59 12.25
C ASN A 71 -13.61 -21.67 13.47
N ALA A 72 -12.47 -21.00 13.56
CA ALA A 72 -12.16 -20.03 14.64
C ALA A 72 -13.04 -18.77 14.48
N LEU A 73 -13.22 -18.29 13.24
CA LEU A 73 -14.10 -17.13 12.92
C LEU A 73 -15.57 -17.47 13.23
N ARG A 74 -15.97 -18.72 12.96
CA ARG A 74 -17.37 -19.20 13.16
C ARG A 74 -17.78 -19.02 14.62
N ARG A 75 -16.93 -19.45 15.56
CA ARG A 75 -17.28 -19.55 17.01
C ARG A 75 -17.40 -18.15 17.65
N CYS A 76 -16.97 -17.07 16.99
CA CYS A 76 -17.00 -15.70 17.56
C CYS A 76 -17.85 -14.72 16.71
N PHE A 77 -18.45 -15.15 15.59
CA PHE A 77 -19.24 -14.23 14.70
C PHE A 77 -20.55 -14.84 14.18
N PHE A 78 -20.75 -16.17 14.24
CA PHE A 78 -21.75 -16.90 13.44
C PHE A 78 -23.18 -16.52 13.84
N TRP A 79 -23.46 -16.37 15.14
CA TRP A 79 -24.82 -16.08 15.65
C TRP A 79 -25.22 -14.65 15.28
N ARG A 80 -24.31 -13.68 15.49
CA ARG A 80 -24.54 -12.26 15.13
C ARG A 80 -24.54 -12.11 13.60
N PHE A 81 -23.88 -13.02 12.86
CA PHE A 81 -23.96 -13.08 11.38
C PHE A 81 -25.40 -13.47 10.97
N MET A 82 -25.88 -14.63 11.44
CA MET A 82 -27.20 -15.20 11.06
C MET A 82 -28.35 -14.37 11.65
N PHE A 83 -28.12 -13.65 12.74
CA PHE A 83 -29.14 -12.80 13.41
C PHE A 83 -29.62 -11.70 12.46
N TYR A 84 -28.69 -11.07 11.73
CA TYR A 84 -29.00 -10.00 10.73
C TYR A 84 -29.53 -10.63 9.43
N GLY A 85 -29.08 -11.85 9.11
CA GLY A 85 -29.48 -12.59 7.90
C GLY A 85 -30.98 -12.79 7.78
N ILE A 86 -31.64 -13.18 8.89
CA ILE A 86 -33.10 -13.50 8.90
C ILE A 86 -33.92 -12.21 8.68
N PHE A 87 -33.44 -11.06 9.17
CA PHE A 87 -34.08 -9.74 8.93
C PHE A 87 -33.88 -9.33 7.46
N LEU A 88 -32.67 -9.55 6.95
CA LEU A 88 -32.30 -9.27 5.53
C LEU A 88 -33.13 -10.17 4.60
N TYR A 89 -33.45 -11.40 5.03
CA TYR A 89 -34.33 -12.34 4.27
C TYR A 89 -35.75 -11.77 4.19
N LEU A 90 -36.34 -11.42 5.33
CA LEU A 90 -37.72 -10.88 5.43
C LEU A 90 -37.79 -9.54 4.70
N GLY A 91 -36.72 -8.72 4.78
CA GLY A 91 -36.59 -7.44 4.06
C GLY A 91 -36.53 -7.61 2.55
N GLU A 92 -36.00 -8.74 2.08
CA GLU A 92 -35.92 -9.07 0.63
C GLU A 92 -37.22 -9.75 0.17
N VAL A 93 -37.86 -10.54 1.05
CA VAL A 93 -39.13 -11.26 0.75
C VAL A 93 -40.24 -10.24 0.48
N THR A 94 -40.22 -9.10 1.18
CA THR A 94 -41.27 -8.05 1.08
C THR A 94 -41.18 -7.31 -0.27
N LYS A 95 -40.07 -7.41 -1.01
CA LYS A 95 -39.98 -6.87 -2.39
C LYS A 95 -40.80 -7.73 -3.36
N ALA A 96 -40.87 -9.05 -3.14
CA ALA A 96 -41.52 -10.03 -4.03
C ALA A 96 -43.04 -9.93 -3.95
N VAL A 97 -43.60 -9.44 -2.84
CA VAL A 97 -45.07 -9.34 -2.61
C VAL A 97 -45.58 -7.94 -3.04
N GLN A 98 -44.69 -7.05 -3.46
CA GLN A 98 -45.03 -5.65 -3.84
C GLN A 98 -45.86 -5.63 -5.12
N PRO A 99 -45.53 -6.42 -6.18
CA PRO A 99 -46.35 -6.45 -7.40
C PRO A 99 -47.80 -6.91 -7.20
N LEU A 100 -48.07 -7.78 -6.22
CA LEU A 100 -49.43 -8.28 -5.90
C LEU A 100 -50.34 -7.10 -5.52
N LEU A 101 -49.89 -6.27 -4.58
CA LEU A 101 -50.69 -5.16 -4.01
C LEU A 101 -50.76 -4.01 -5.03
N LEU A 102 -49.60 -3.51 -5.47
CA LEU A 102 -49.48 -2.40 -6.45
C LEU A 102 -50.20 -2.77 -7.75
N GLY A 103 -50.02 -4.02 -8.22
CA GLY A 103 -50.70 -4.56 -9.41
C GLY A 103 -52.20 -4.29 -9.38
N ARG A 104 -52.88 -4.70 -8.30
CA ARG A 104 -54.34 -4.49 -8.13
C ARG A 104 -54.65 -2.99 -8.08
N ILE A 105 -53.83 -2.20 -7.38
CA ILE A 105 -54.03 -0.73 -7.23
C ILE A 105 -53.92 -0.06 -8.62
N ILE A 106 -53.07 -0.57 -9.52
CA ILE A 106 -53.04 -0.10 -10.94
C ILE A 106 -54.32 -0.56 -11.64
N ALA A 107 -54.73 -1.82 -11.42
CA ALA A 107 -55.91 -2.45 -12.06
C ALA A 107 -57.19 -1.70 -11.69
N SER A 108 -57.27 -1.12 -10.48
CA SER A 108 -58.49 -0.47 -9.93
C SER A 108 -58.81 0.84 -10.68
N TYR A 109 -57.91 1.33 -11.55
CA TYR A 109 -58.16 2.52 -12.41
C TYR A 109 -59.07 2.16 -13.59
N ASP A 110 -59.23 0.86 -13.89
CA ASP A 110 -59.98 0.35 -15.07
C ASP A 110 -61.48 0.59 -14.90
N PRO A 111 -62.14 1.33 -15.84
CA PRO A 111 -63.58 1.61 -15.78
C PRO A 111 -64.50 0.38 -15.71
N ASP A 112 -64.14 -0.70 -16.40
CA ASP A 112 -64.82 -2.02 -16.22
C ASP A 112 -64.94 -2.20 -14.70
N ASN A 113 -66.16 -2.20 -14.17
CA ASN A 113 -66.39 -2.17 -12.71
C ASN A 113 -66.03 -3.55 -12.14
N LYS A 114 -64.77 -3.70 -11.73
CA LYS A 114 -64.21 -4.92 -11.09
C LYS A 114 -64.47 -4.85 -9.58
N GLU A 115 -64.03 -5.88 -8.85
CA GLU A 115 -64.08 -5.95 -7.37
C GLU A 115 -62.97 -5.08 -6.75
N GLU A 116 -61.92 -4.73 -7.50
CA GLU A 116 -60.75 -3.96 -7.00
C GLU A 116 -61.22 -2.61 -6.42
N ARG A 117 -62.00 -1.85 -7.20
CA ARG A 117 -62.65 -0.60 -6.72
C ARG A 117 -62.89 -0.74 -5.21
N SER A 118 -63.50 -1.85 -4.79
CA SER A 118 -63.84 -2.17 -3.37
C SER A 118 -62.61 -2.29 -2.47
N ILE A 119 -61.58 -3.05 -2.87
CA ILE A 119 -60.41 -3.42 -1.99
C ILE A 119 -59.30 -2.35 -2.06
N ALA A 120 -59.31 -1.47 -3.07
CA ALA A 120 -58.22 -0.53 -3.43
C ALA A 120 -57.69 0.22 -2.19
N ILE A 121 -58.58 0.75 -1.34
CA ILE A 121 -58.20 1.61 -0.17
C ILE A 121 -57.47 0.74 0.88
N TYR A 122 -57.85 -0.54 1.02
CA TYR A 122 -57.23 -1.49 1.97
C TYR A 122 -55.84 -1.87 1.48
N LEU A 123 -55.71 -2.09 0.17
CA LEU A 123 -54.39 -2.22 -0.50
C LEU A 123 -53.62 -0.91 -0.30
N GLY A 124 -54.32 0.21 -0.41
CA GLY A 124 -53.79 1.58 -0.17
C GLY A 124 -53.14 1.70 1.20
N ILE A 125 -53.81 1.25 2.25
CA ILE A 125 -53.27 1.23 3.65
C ILE A 125 -52.15 0.18 3.73
N GLY A 126 -52.40 -1.04 3.25
CA GLY A 126 -51.47 -2.19 3.35
C GLY A 126 -50.13 -1.93 2.68
N LEU A 127 -50.16 -1.40 1.45
CA LEU A 127 -48.97 -1.16 0.59
C LEU A 127 -48.09 -0.07 1.23
N CYS A 128 -48.67 0.89 1.96
CA CYS A 128 -47.92 1.93 2.70
C CYS A 128 -47.18 1.30 3.89
N LEU A 129 -47.88 0.46 4.66
CA LEU A 129 -47.30 -0.34 5.77
C LEU A 129 -46.20 -1.26 5.22
N LEU A 130 -46.37 -1.78 3.99
CA LEU A 130 -45.41 -2.69 3.30
C LEU A 130 -44.07 -1.96 3.08
N PHE A 131 -44.07 -0.72 2.57
CA PHE A 131 -42.83 0.08 2.37
C PHE A 131 -42.18 0.40 3.72
N ILE A 132 -42.99 0.85 4.68
CA ILE A 132 -42.51 1.35 6.01
C ILE A 132 -41.69 0.25 6.68
N VAL A 133 -42.17 -1.00 6.63
CA VAL A 133 -41.55 -2.15 7.36
C VAL A 133 -40.21 -2.53 6.71
N ARG A 134 -40.11 -2.49 5.36
CA ARG A 134 -38.86 -2.87 4.63
C ARG A 134 -37.77 -1.83 4.90
N THR A 135 -38.06 -0.54 4.65
CA THR A 135 -37.11 0.59 4.84
C THR A 135 -36.45 0.45 6.21
N LEU A 136 -37.25 0.12 7.22
CA LEU A 136 -36.77 -0.16 8.61
C LEU A 136 -36.05 -1.51 8.67
N LEU A 137 -36.54 -2.54 7.96
CA LEU A 137 -36.05 -3.93 8.11
C LEU A 137 -34.68 -4.13 7.44
N LEU A 138 -34.41 -3.53 6.28
CA LEU A 138 -33.21 -3.81 5.44
C LEU A 138 -31.95 -3.19 6.04
N HIS A 139 -31.94 -1.87 6.22
CA HIS A 139 -30.70 -1.05 6.37
C HIS A 139 -29.95 -1.34 7.67
N PRO A 140 -30.61 -1.52 8.83
CA PRO A 140 -29.92 -1.94 10.05
C PRO A 140 -29.11 -3.24 9.91
N ALA A 141 -29.65 -4.23 9.18
CA ALA A 141 -28.99 -5.53 8.91
C ALA A 141 -27.73 -5.32 8.05
N ILE A 142 -27.79 -4.44 7.06
CA ILE A 142 -26.64 -4.16 6.15
C ILE A 142 -25.52 -3.54 6.99
N PHE A 143 -25.85 -2.52 7.78
CA PHE A 143 -24.90 -1.84 8.69
C PHE A 143 -24.37 -2.85 9.70
N GLY A 144 -25.25 -3.71 10.22
CA GLY A 144 -24.87 -4.82 11.13
C GLY A 144 -23.84 -5.72 10.49
N LEU A 145 -24.05 -6.09 9.22
CA LEU A 145 -23.15 -7.01 8.47
C LEU A 145 -21.83 -6.30 8.15
N HIS A 146 -21.85 -5.02 7.77
CA HIS A 146 -20.62 -4.22 7.55
C HIS A 146 -19.80 -4.13 8.84
N HIS A 147 -20.48 -3.93 9.98
CA HIS A 147 -19.86 -3.80 11.32
C HIS A 147 -19.19 -5.11 11.74
N ILE A 148 -19.80 -6.26 11.42
CA ILE A 148 -19.22 -7.61 11.71
C ILE A 148 -17.99 -7.82 10.81
N GLY A 149 -18.10 -7.46 9.52
CA GLY A 149 -17.02 -7.61 8.52
C GLY A 149 -15.78 -6.82 8.91
N MET A 150 -15.98 -5.60 9.43
CA MET A 150 -14.89 -4.70 9.93
C MET A 150 -14.17 -5.36 11.10
N GLN A 151 -14.91 -5.98 12.02
CA GLN A 151 -14.35 -6.66 13.21
C GLN A 151 -13.52 -7.89 12.79
N MET A 152 -14.01 -8.65 11.80
CA MET A 152 -13.30 -9.84 11.25
C MET A 152 -11.94 -9.43 10.68
N ARG A 153 -11.91 -8.34 9.91
CA ARG A 153 -10.70 -7.87 9.18
C ARG A 153 -9.66 -7.33 10.16
N ILE A 154 -10.08 -6.54 11.16
CA ILE A 154 -9.17 -5.97 12.20
C ILE A 154 -8.55 -7.13 12.99
N ALA A 155 -9.33 -8.16 13.31
CA ALA A 155 -8.89 -9.34 14.08
C ALA A 155 -7.79 -10.08 13.33
N MET A 156 -8.01 -10.36 12.04
CA MET A 156 -7.06 -11.12 11.18
C MET A 156 -5.76 -10.33 10.99
N PHE A 157 -5.87 -9.03 10.67
CA PHE A 157 -4.73 -8.09 10.47
C PHE A 157 -3.80 -8.10 11.69
N SER A 158 -4.39 -8.09 12.89
CA SER A 158 -3.66 -8.14 14.18
C SER A 158 -2.92 -9.47 14.33
N LEU A 159 -3.53 -10.57 13.89
CA LEU A 159 -2.90 -11.93 13.98
C LEU A 159 -1.76 -12.07 12.97
N ILE A 160 -1.87 -11.44 11.79
CA ILE A 160 -0.78 -11.43 10.76
C ILE A 160 0.44 -10.70 11.34
N TYR A 161 0.22 -9.53 11.96
CA TYR A 161 1.30 -8.66 12.47
C TYR A 161 2.02 -9.32 13.66
N LYS A 162 1.30 -10.08 14.50
CA LYS A 162 1.91 -10.85 15.62
C LYS A 162 2.74 -12.00 15.03
N LYS A 163 2.15 -12.71 14.05
CA LYS A 163 2.77 -13.87 13.36
C LYS A 163 4.07 -13.43 12.66
N THR A 164 4.06 -12.28 11.97
CA THR A 164 5.22 -11.81 11.14
C THR A 164 6.41 -11.44 12.03
N LEU A 165 6.20 -11.08 13.31
CA LEU A 165 7.30 -10.74 14.23
C LEU A 165 7.97 -12.02 14.76
N LYS A 166 7.26 -13.15 14.77
CA LYS A 166 7.79 -14.47 15.24
C LYS A 166 8.25 -15.33 14.04
N LEU A 167 8.24 -14.77 12.83
CA LEU A 167 8.52 -15.52 11.57
C LEU A 167 10.02 -15.83 11.47
N SER A 168 10.40 -16.96 10.88
CA SER A 168 11.79 -17.46 10.81
C SER A 168 12.64 -16.63 9.85
N SER A 169 13.96 -16.67 10.05
CA SER A 169 14.97 -16.03 9.18
C SER A 169 15.07 -16.78 7.84
N ARG A 170 14.74 -18.07 7.83
CA ARG A 170 14.71 -18.93 6.61
C ARG A 170 13.65 -18.42 5.65
N VAL A 171 12.50 -17.95 6.17
CA VAL A 171 11.29 -17.58 5.39
C VAL A 171 11.43 -16.17 4.81
N LEU A 172 12.12 -15.26 5.51
CA LEU A 172 12.22 -13.80 5.14
C LEU A 172 12.72 -13.61 3.71
N ASP A 173 13.59 -14.50 3.21
CA ASP A 173 14.10 -14.45 1.81
C ASP A 173 12.96 -14.75 0.83
N LYS A 174 12.07 -15.69 1.17
CA LYS A 174 10.92 -16.10 0.31
C LYS A 174 9.87 -14.97 0.27
N ILE A 175 9.41 -14.50 1.44
CA ILE A 175 8.35 -13.46 1.57
C ILE A 175 8.99 -12.07 1.59
N SER A 176 8.79 -11.32 0.51
CA SER A 176 9.11 -9.87 0.37
C SER A 176 7.95 -9.04 0.94
N ILE A 177 8.12 -7.72 1.04
CA ILE A 177 7.10 -6.76 1.56
C ILE A 177 5.85 -6.78 0.67
N GLY A 178 6.04 -6.85 -0.65
CA GLY A 178 4.97 -6.87 -1.67
C GLY A 178 3.95 -7.97 -1.44
N GLN A 179 4.36 -9.09 -0.84
CA GLN A 179 3.46 -10.19 -0.40
C GLN A 179 2.53 -9.67 0.69
N LEU A 180 3.07 -8.98 1.70
CA LEU A 180 2.32 -8.53 2.90
C LEU A 180 1.44 -7.33 2.54
N VAL A 181 1.99 -6.36 1.80
CA VAL A 181 1.27 -5.11 1.43
C VAL A 181 0.07 -5.46 0.57
N SER A 182 0.23 -6.33 -0.43
CA SER A 182 -0.83 -6.74 -1.39
C SER A 182 -1.97 -7.45 -0.64
N LEU A 183 -1.63 -8.36 0.27
CA LEU A 183 -2.60 -9.15 1.08
C LEU A 183 -3.51 -8.19 1.86
N LEU A 184 -2.93 -7.18 2.53
CA LEU A 184 -3.68 -6.16 3.30
C LEU A 184 -4.41 -5.21 2.35
N SER A 185 -3.76 -4.76 1.27
CA SER A 185 -4.30 -3.80 0.28
C SER A 185 -5.54 -4.37 -0.42
N ASN A 186 -5.54 -5.67 -0.73
CA ASN A 186 -6.70 -6.35 -1.39
C ASN A 186 -7.90 -6.37 -0.45
N ASN A 187 -7.71 -6.83 0.80
CA ASN A 187 -8.80 -7.09 1.76
C ASN A 187 -9.34 -5.78 2.37
N LEU A 188 -8.57 -4.69 2.35
CA LEU A 188 -8.76 -3.51 3.26
C LEU A 188 -10.19 -2.96 3.20
N ASN A 189 -10.78 -2.81 2.02
CA ASN A 189 -12.18 -2.31 1.86
C ASN A 189 -13.09 -3.35 1.19
N LYS A 190 -12.53 -4.37 0.52
CA LYS A 190 -13.31 -5.37 -0.25
C LYS A 190 -14.02 -6.32 0.73
N PHE A 191 -13.36 -6.71 1.82
CA PHE A 191 -13.82 -7.75 2.78
C PHE A 191 -14.97 -7.23 3.65
N ASP A 192 -14.99 -5.93 3.97
CA ASP A 192 -15.98 -5.31 4.89
C ASP A 192 -17.34 -5.19 4.20
N GLU A 193 -17.37 -4.63 2.97
CA GLU A 193 -18.61 -4.36 2.20
C GLU A 193 -19.19 -5.66 1.64
N GLY A 194 -18.40 -6.74 1.58
CA GLY A 194 -18.78 -8.05 1.02
C GLY A 194 -19.86 -8.76 1.81
N LEU A 195 -19.81 -8.71 3.14
CA LEU A 195 -20.69 -9.52 4.03
C LEU A 195 -22.15 -9.05 3.97
N ALA A 196 -22.42 -7.87 3.41
CA ALA A 196 -23.78 -7.44 3.01
C ALA A 196 -24.31 -8.38 1.91
N LEU A 197 -23.48 -8.69 0.91
CA LEU A 197 -23.86 -9.51 -0.28
C LEU A 197 -23.85 -11.01 0.03
N ALA A 198 -23.07 -11.44 1.04
CA ALA A 198 -22.72 -12.86 1.28
C ALA A 198 -23.97 -13.74 1.50
N HIS A 199 -25.02 -13.22 2.16
CA HIS A 199 -26.21 -14.03 2.53
C HIS A 199 -27.04 -14.42 1.31
N PHE A 200 -27.03 -13.63 0.23
CA PHE A 200 -27.92 -13.82 -0.94
C PHE A 200 -27.67 -15.17 -1.65
N VAL A 201 -26.62 -15.91 -1.26
CA VAL A 201 -26.42 -17.35 -1.62
C VAL A 201 -27.70 -18.12 -1.30
N TRP A 202 -28.24 -17.98 -0.08
CA TRP A 202 -29.44 -18.74 0.37
C TRP A 202 -30.70 -17.87 0.34
N ILE A 203 -30.60 -16.54 0.17
CA ILE A 203 -31.80 -15.66 0.01
C ILE A 203 -32.37 -15.87 -1.40
N ALA A 204 -31.51 -15.91 -2.42
CA ALA A 204 -31.89 -15.85 -3.86
C ALA A 204 -32.71 -17.08 -4.26
N PRO A 205 -32.30 -18.33 -3.94
CA PRO A 205 -33.10 -19.51 -4.29
C PRO A 205 -34.53 -19.50 -3.73
N LEU A 206 -34.68 -19.19 -2.44
CA LEU A 206 -35.99 -19.09 -1.75
C LEU A 206 -36.82 -17.98 -2.40
N GLN A 207 -36.16 -16.88 -2.79
CA GLN A 207 -36.78 -15.74 -3.52
C GLN A 207 -37.29 -16.22 -4.88
N VAL A 208 -36.46 -16.95 -5.63
CA VAL A 208 -36.81 -17.55 -6.95
C VAL A 208 -38.00 -18.49 -6.75
N ALA A 209 -37.93 -19.37 -5.74
CA ALA A 209 -39.01 -20.34 -5.40
C ALA A 209 -40.31 -19.60 -5.09
N LEU A 210 -40.26 -18.58 -4.22
CA LEU A 210 -41.44 -17.77 -3.80
C LEU A 210 -42.01 -17.04 -5.03
N LEU A 211 -41.16 -16.45 -5.87
CA LEU A 211 -41.59 -15.67 -7.08
C LEU A 211 -42.17 -16.61 -8.15
N MET A 212 -41.56 -17.78 -8.36
CA MET A 212 -41.94 -18.74 -9.44
C MET A 212 -43.38 -19.23 -9.23
N GLY A 213 -43.81 -19.42 -7.98
CA GLY A 213 -45.21 -19.76 -7.62
C GLY A 213 -46.17 -18.64 -8.00
N LEU A 214 -45.85 -17.40 -7.62
CA LEU A 214 -46.69 -16.19 -7.89
C LEU A 214 -46.81 -15.96 -9.40
N ILE A 215 -45.79 -16.31 -10.19
CA ILE A 215 -45.86 -16.26 -11.68
C ILE A 215 -46.65 -17.48 -12.15
N TRP A 216 -46.41 -18.68 -11.57
CA TRP A 216 -47.13 -19.95 -11.89
C TRP A 216 -48.64 -19.75 -11.71
N GLU A 217 -49.05 -18.92 -10.75
CA GLU A 217 -50.46 -18.51 -10.53
C GLU A 217 -51.00 -17.85 -11.81
N LEU A 218 -50.23 -16.95 -12.44
CA LEU A 218 -50.68 -16.21 -13.66
C LEU A 218 -50.54 -17.11 -14.89
N LEU A 219 -49.35 -17.67 -15.14
CA LEU A 219 -49.04 -18.48 -16.34
C LEU A 219 -48.65 -19.89 -15.88
N GLN A 220 -49.45 -20.91 -16.25
CA GLN A 220 -49.35 -22.27 -15.68
C GLN A 220 -48.13 -23.01 -16.25
N ALA A 221 -47.95 -23.00 -17.57
CA ALA A 221 -46.92 -23.79 -18.29
C ALA A 221 -45.65 -22.97 -18.50
N SER A 222 -45.80 -21.75 -19.02
CA SER A 222 -44.71 -20.98 -19.67
C SER A 222 -43.70 -20.45 -18.65
N ALA A 223 -44.11 -20.14 -17.41
CA ALA A 223 -43.24 -19.58 -16.35
C ALA A 223 -41.98 -20.45 -16.21
N PHE A 224 -42.17 -21.77 -16.15
CA PHE A 224 -41.09 -22.78 -16.16
C PHE A 224 -40.29 -22.63 -17.46
N CYS A 225 -40.99 -22.46 -18.60
CA CYS A 225 -40.35 -22.21 -19.92
C CYS A 225 -39.41 -21.00 -19.85
N GLY A 226 -39.84 -19.92 -19.18
CA GLY A 226 -39.02 -18.72 -18.92
C GLY A 226 -37.85 -19.03 -18.00
N LEU A 227 -38.12 -19.60 -16.82
CA LEU A 227 -37.10 -19.93 -15.78
C LEU A 227 -35.90 -20.65 -16.42
N GLY A 228 -36.15 -21.60 -17.32
CA GLY A 228 -35.12 -22.36 -18.07
C GLY A 228 -34.07 -21.44 -18.68
N PHE A 229 -34.48 -20.29 -19.22
CA PHE A 229 -33.58 -19.26 -19.80
C PHE A 229 -32.63 -18.73 -18.70
N LEU A 230 -33.17 -18.48 -17.50
CA LEU A 230 -32.39 -17.93 -16.35
C LEU A 230 -31.45 -18.99 -15.78
N ILE A 231 -31.85 -20.27 -15.80
CA ILE A 231 -30.94 -21.40 -15.46
C ILE A 231 -29.84 -21.48 -16.53
N VAL A 232 -30.22 -21.40 -17.81
CA VAL A 232 -29.26 -21.36 -18.96
C VAL A 232 -28.26 -20.22 -18.72
N LEU A 233 -28.75 -19.04 -18.33
CA LEU A 233 -27.97 -17.77 -18.20
C LEU A 233 -27.12 -17.79 -16.92
N ALA A 234 -27.63 -18.35 -15.82
CA ALA A 234 -26.95 -18.40 -14.50
C ALA A 234 -25.67 -19.25 -14.59
N LEU A 235 -25.72 -20.36 -15.32
CA LEU A 235 -24.56 -21.26 -15.56
C LEU A 235 -23.50 -20.53 -16.39
N PHE A 236 -23.92 -19.69 -17.35
CA PHE A 236 -23.03 -18.88 -18.19
C PHE A 236 -22.27 -17.87 -17.32
N GLN A 237 -22.95 -17.25 -16.35
CA GLN A 237 -22.37 -16.27 -15.39
C GLN A 237 -21.37 -16.98 -14.47
N ALA A 238 -21.70 -18.18 -14.00
CA ALA A 238 -20.82 -19.02 -13.16
C ALA A 238 -19.56 -19.39 -13.95
N GLY A 239 -19.71 -19.63 -15.27
CA GLY A 239 -18.59 -19.87 -16.21
C GLY A 239 -17.68 -18.66 -16.33
N LEU A 240 -18.25 -17.46 -16.46
CA LEU A 240 -17.50 -16.17 -16.49
C LEU A 240 -16.79 -15.97 -15.13
N GLY A 241 -17.49 -16.27 -14.03
CA GLY A 241 -17.00 -16.17 -12.65
C GLY A 241 -15.70 -16.94 -12.43
N ARG A 242 -15.65 -18.21 -12.85
CA ARG A 242 -14.46 -19.11 -12.71
C ARG A 242 -13.35 -18.67 -13.68
N MET A 243 -13.73 -18.14 -14.85
CA MET A 243 -12.76 -17.61 -15.85
C MET A 243 -12.08 -16.37 -15.28
N MET A 244 -12.84 -15.46 -14.66
CA MET A 244 -12.39 -14.14 -14.16
C MET A 244 -11.46 -14.29 -12.94
N MET A 245 -11.50 -15.43 -12.24
CA MET A 245 -10.68 -15.70 -11.02
C MET A 245 -9.42 -16.49 -11.38
N LYS A 246 -9.24 -16.87 -12.65
CA LYS A 246 -8.00 -17.51 -13.18
C LYS A 246 -7.13 -16.43 -13.84
N TYR A 247 -7.72 -15.32 -14.27
CA TYR A 247 -7.02 -14.13 -14.81
C TYR A 247 -6.46 -13.28 -13.65
N ARG A 248 -7.03 -13.42 -12.46
CA ARG A 248 -6.69 -12.57 -11.28
C ARG A 248 -5.53 -13.18 -10.48
N ASP A 249 -5.28 -14.49 -10.60
CA ASP A 249 -4.19 -15.21 -9.88
C ASP A 249 -2.89 -15.23 -10.70
N GLN A 250 -2.97 -15.00 -12.01
CA GLN A 250 -1.77 -14.81 -12.87
C GLN A 250 -1.18 -13.42 -12.58
N ARG A 251 -2.06 -12.42 -12.46
CA ARG A 251 -1.71 -10.99 -12.24
C ARG A 251 -1.19 -10.78 -10.81
N ALA A 252 -1.75 -11.49 -9.83
CA ALA A 252 -1.45 -11.34 -8.38
C ALA A 252 0.05 -11.57 -8.10
N GLY A 253 0.69 -12.47 -8.86
CA GLY A 253 2.16 -12.68 -8.83
C GLY A 253 2.92 -11.45 -9.30
N LYS A 254 2.39 -10.73 -10.30
CA LYS A 254 3.10 -9.60 -10.99
C LYS A 254 3.07 -8.35 -10.11
N ILE A 255 1.95 -8.07 -9.44
CA ILE A 255 1.71 -6.84 -8.61
C ILE A 255 2.72 -6.78 -7.46
N SER A 256 2.99 -7.91 -6.81
CA SER A 256 3.96 -8.03 -5.68
C SER A 256 5.36 -7.61 -6.16
N GLU A 257 5.78 -8.07 -7.35
CA GLU A 257 7.11 -7.80 -7.93
C GLU A 257 7.24 -6.30 -8.26
N ARG A 258 6.16 -5.65 -8.68
CA ARG A 258 6.17 -4.21 -9.08
C ARG A 258 6.35 -3.34 -7.81
N LEU A 259 5.70 -3.70 -6.71
CA LEU A 259 5.72 -2.89 -5.47
C LEU A 259 7.10 -2.94 -4.81
N VAL A 260 7.80 -4.08 -4.85
CA VAL A 260 9.16 -4.22 -4.24
C VAL A 260 10.17 -3.37 -5.04
N ILE A 261 10.04 -3.30 -6.37
CA ILE A 261 10.94 -2.47 -7.23
C ILE A 261 10.60 -1.00 -7.02
N THR A 262 9.32 -0.63 -6.97
CA THR A 262 8.84 0.77 -6.78
C THR A 262 9.24 1.27 -5.39
N SER A 263 9.06 0.46 -4.34
CA SER A 263 9.42 0.80 -2.95
C SER A 263 10.93 1.05 -2.85
N GLU A 264 11.73 0.09 -3.33
CA GLU A 264 13.22 0.11 -3.26
C GLU A 264 13.77 1.38 -3.91
N MET A 265 13.33 1.73 -5.12
CA MET A 265 13.92 2.85 -5.91
C MET A 265 13.56 4.19 -5.24
N ILE A 266 12.34 4.35 -4.74
CA ILE A 266 11.87 5.63 -4.13
C ILE A 266 12.46 5.74 -2.72
N GLU A 267 12.63 4.61 -2.00
CA GLU A 267 13.27 4.58 -0.65
C GLU A 267 14.67 5.19 -0.71
N ASN A 268 15.43 5.01 -1.80
CA ASN A 268 16.81 5.53 -1.95
C ASN A 268 16.97 6.22 -3.32
N ILE A 269 16.09 7.18 -3.62
CA ILE A 269 16.08 7.92 -4.92
C ILE A 269 17.36 8.74 -5.10
N GLN A 270 17.97 9.20 -4.00
CA GLN A 270 19.17 10.09 -4.05
C GLN A 270 20.29 9.42 -4.86
N SER A 271 20.44 8.09 -4.75
CA SER A 271 21.37 7.29 -5.59
C SER A 271 20.87 7.22 -7.03
N VAL A 272 19.56 6.99 -7.21
CA VAL A 272 18.89 6.85 -8.54
C VAL A 272 19.09 8.14 -9.35
N LYS A 273 19.09 9.31 -8.70
CA LYS A 273 19.32 10.62 -9.39
C LYS A 273 20.80 10.79 -9.74
N ALA A 274 21.71 10.35 -8.86
CA ALA A 274 23.17 10.47 -9.03
C ALA A 274 23.62 9.65 -10.25
N TYR A 275 23.20 8.38 -10.32
CA TYR A 275 23.52 7.46 -11.44
C TYR A 275 22.82 7.88 -12.73
N CYS A 276 21.67 8.57 -12.63
CA CYS A 276 20.77 8.96 -13.76
C CYS A 276 20.07 7.71 -14.29
N TRP A 277 19.32 7.02 -13.42
CA TRP A 277 18.46 5.86 -13.75
C TRP A 277 16.99 6.29 -13.67
N GLU A 278 16.54 7.16 -14.58
CA GLU A 278 15.11 7.51 -14.70
C GLU A 278 14.49 6.61 -15.78
N GLU A 279 15.07 6.66 -16.97
CA GLU A 279 14.64 5.85 -18.15
C GLU A 279 14.76 4.37 -17.81
N ALA A 280 15.86 3.97 -17.14
CA ALA A 280 16.15 2.58 -16.72
C ALA A 280 15.04 2.07 -15.79
N MET A 281 14.75 2.80 -14.72
CA MET A 281 13.71 2.44 -13.72
C MET A 281 12.32 2.50 -14.35
N GLU A 282 12.02 3.54 -15.15
CA GLU A 282 10.72 3.70 -15.83
C GLU A 282 10.48 2.55 -16.82
N LYS A 283 11.48 2.18 -17.63
CA LYS A 283 11.38 1.08 -18.63
C LYS A 283 11.20 -0.26 -17.90
N MET A 284 11.78 -0.41 -16.71
CA MET A 284 11.69 -1.66 -15.92
C MET A 284 10.25 -1.83 -15.40
N ILE A 285 9.71 -0.79 -14.75
CA ILE A 285 8.32 -0.76 -14.23
C ILE A 285 7.33 -0.82 -15.41
N GLU A 286 7.67 -0.21 -16.54
CA GLU A 286 6.85 -0.24 -17.79
C GLU A 286 6.62 -1.68 -18.23
N ASN A 287 7.69 -2.50 -18.27
CA ASN A 287 7.65 -3.92 -18.73
C ASN A 287 6.82 -4.79 -17.78
N LEU A 288 6.78 -4.48 -16.49
CA LEU A 288 5.96 -5.25 -15.49
C LEU A 288 4.47 -4.93 -15.69
N ARG A 289 4.12 -3.72 -16.14
CA ARG A 289 2.71 -3.29 -16.35
C ARG A 289 2.13 -3.94 -17.60
N GLN A 290 2.96 -4.32 -18.59
CA GLN A 290 2.51 -4.93 -19.87
C GLN A 290 1.69 -6.18 -19.56
N THR A 291 2.28 -7.13 -18.83
CA THR A 291 1.67 -8.42 -18.44
C THR A 291 0.43 -8.18 -17.57
N GLU A 292 0.54 -7.27 -16.60
CA GLU A 292 -0.52 -6.91 -15.61
C GLU A 292 -1.77 -6.43 -16.35
N LEU A 293 -1.61 -5.42 -17.23
CA LEU A 293 -2.76 -4.77 -17.93
C LEU A 293 -3.39 -5.72 -18.96
N LYS A 294 -2.57 -6.58 -19.59
CA LYS A 294 -3.08 -7.66 -20.49
C LYS A 294 -4.09 -8.51 -19.70
N LEU A 295 -3.70 -8.98 -18.51
CA LEU A 295 -4.56 -9.81 -17.64
C LEU A 295 -5.71 -8.98 -17.06
N THR A 296 -5.51 -7.68 -16.80
CA THR A 296 -6.57 -6.76 -16.29
C THR A 296 -7.67 -6.60 -17.35
N ARG A 297 -7.29 -6.35 -18.61
CA ARG A 297 -8.26 -6.16 -19.73
C ARG A 297 -9.08 -7.43 -19.93
N LYS A 298 -8.40 -8.58 -19.96
CA LYS A 298 -9.02 -9.92 -20.18
C LYS A 298 -10.02 -10.19 -19.05
N ALA A 299 -9.63 -9.94 -17.79
CA ALA A 299 -10.50 -10.12 -16.60
C ALA A 299 -11.64 -9.09 -16.59
N ALA A 300 -11.42 -7.90 -17.17
CA ALA A 300 -12.44 -6.84 -17.28
C ALA A 300 -13.49 -7.17 -18.36
N TYR A 301 -13.09 -7.80 -19.47
CA TYR A 301 -14.01 -8.18 -20.58
C TYR A 301 -15.02 -9.23 -20.09
N VAL A 302 -14.57 -10.20 -19.29
CA VAL A 302 -15.42 -11.28 -18.71
C VAL A 302 -16.32 -10.69 -17.62
N ARG A 303 -15.86 -9.63 -16.94
CA ARG A 303 -16.60 -8.97 -15.83
C ARG A 303 -17.78 -8.17 -16.40
N TYR A 304 -17.63 -7.57 -17.59
CA TYR A 304 -18.68 -6.76 -18.26
C TYR A 304 -19.89 -7.65 -18.55
N PHE A 305 -19.69 -8.79 -19.23
CA PHE A 305 -20.74 -9.76 -19.59
C PHE A 305 -21.52 -10.20 -18.35
N ASN A 306 -20.81 -10.42 -17.23
CA ASN A 306 -21.39 -10.82 -15.92
C ASN A 306 -22.32 -9.70 -15.42
N SER A 307 -21.92 -8.44 -15.59
CA SER A 307 -22.70 -7.24 -15.19
C SER A 307 -23.59 -6.75 -16.33
N SER A 308 -23.63 -7.44 -17.47
CA SER A 308 -24.44 -7.06 -18.66
C SER A 308 -25.38 -8.21 -19.04
N ALA A 309 -25.63 -9.14 -18.10
CA ALA A 309 -26.51 -10.31 -18.31
C ALA A 309 -27.84 -10.11 -17.57
N PHE A 310 -28.02 -8.94 -16.94
CA PHE A 310 -29.26 -8.53 -16.22
C PHE A 310 -30.10 -7.61 -17.11
N PHE A 311 -29.47 -6.61 -17.73
CA PHE A 311 -30.14 -5.58 -18.57
C PHE A 311 -30.71 -6.26 -19.82
N PHE A 312 -29.92 -7.11 -20.48
CA PHE A 312 -30.32 -7.83 -21.72
C PHE A 312 -31.32 -8.94 -21.37
N SER A 313 -31.09 -9.65 -20.25
CA SER A 313 -31.95 -10.74 -19.74
C SER A 313 -33.42 -10.33 -19.69
N GLY A 314 -33.71 -9.08 -19.33
CA GLY A 314 -35.07 -8.55 -19.09
C GLY A 314 -36.06 -8.88 -20.17
N PHE A 315 -35.76 -8.49 -21.41
CA PHE A 315 -36.71 -8.62 -22.56
C PHE A 315 -37.03 -10.09 -22.81
N PHE A 316 -36.01 -10.95 -22.81
CA PHE A 316 -36.10 -12.36 -23.27
C PHE A 316 -36.85 -13.24 -22.26
N VAL A 317 -36.74 -12.96 -20.95
CA VAL A 317 -37.41 -13.75 -19.86
C VAL A 317 -38.93 -13.59 -19.99
N VAL A 318 -39.40 -12.37 -20.27
CA VAL A 318 -40.85 -12.04 -20.41
C VAL A 318 -41.35 -12.57 -21.76
N PHE A 319 -40.61 -12.33 -22.84
CA PHE A 319 -40.99 -12.68 -24.23
C PHE A 319 -41.26 -14.19 -24.34
N LEU A 320 -40.31 -15.01 -23.88
CA LEU A 320 -40.43 -16.50 -23.89
C LEU A 320 -41.51 -16.97 -22.92
N SER A 321 -41.86 -16.16 -21.90
CA SER A 321 -42.91 -16.47 -20.90
C SER A 321 -44.31 -16.16 -21.48
N VAL A 322 -44.50 -15.02 -22.11
CA VAL A 322 -45.85 -14.56 -22.56
C VAL A 322 -46.21 -15.20 -23.91
N LEU A 323 -45.22 -15.47 -24.76
CA LEU A 323 -45.44 -15.94 -26.16
C LEU A 323 -46.24 -17.24 -26.17
N PRO A 324 -45.83 -18.30 -25.42
CA PRO A 324 -46.58 -19.56 -25.42
C PRO A 324 -48.04 -19.43 -24.93
N TYR A 325 -48.28 -18.65 -23.88
CA TYR A 325 -49.63 -18.38 -23.31
C TYR A 325 -50.46 -17.62 -24.35
N ALA A 326 -49.82 -16.70 -25.07
CA ALA A 326 -50.45 -15.81 -26.08
C ALA A 326 -51.03 -16.63 -27.24
N LEU A 327 -50.31 -17.66 -27.71
CA LEU A 327 -50.70 -18.46 -28.90
C LEU A 327 -51.95 -19.30 -28.60
N ILE A 328 -52.00 -19.90 -27.41
CA ILE A 328 -53.05 -20.91 -27.05
C ILE A 328 -54.33 -20.17 -26.62
N LYS A 329 -54.25 -19.35 -25.57
CA LYS A 329 -55.43 -18.78 -24.85
C LYS A 329 -55.66 -17.33 -25.29
N GLY A 330 -54.59 -16.56 -25.53
CA GLY A 330 -54.63 -15.09 -25.62
C GLY A 330 -54.29 -14.45 -24.29
N ILE A 331 -53.98 -13.16 -24.28
CA ILE A 331 -53.41 -12.46 -23.10
C ILE A 331 -54.10 -11.10 -22.94
N ILE A 332 -54.35 -10.67 -21.71
CA ILE A 332 -54.79 -9.30 -21.35
C ILE A 332 -53.54 -8.54 -20.90
N LEU A 333 -53.48 -7.23 -21.16
CA LEU A 333 -52.30 -6.37 -20.87
C LEU A 333 -51.97 -6.42 -19.37
N ARG A 334 -53.01 -6.44 -18.52
CA ARG A 334 -52.95 -6.59 -17.04
C ARG A 334 -52.16 -7.86 -16.65
N LYS A 335 -52.13 -8.89 -17.50
CA LYS A 335 -51.37 -10.15 -17.26
C LYS A 335 -49.90 -9.97 -17.67
N ILE A 336 -49.63 -9.22 -18.75
CA ILE A 336 -48.26 -8.96 -19.25
C ILE A 336 -47.51 -8.09 -18.23
N PHE A 337 -48.15 -7.00 -17.79
CA PHE A 337 -47.54 -6.03 -16.83
C PHE A 337 -47.16 -6.76 -15.53
N THR A 338 -48.09 -7.54 -14.97
CA THR A 338 -47.88 -8.30 -13.70
C THR A 338 -46.60 -9.13 -13.83
N THR A 339 -46.48 -9.92 -14.90
CA THR A 339 -45.29 -10.77 -15.21
C THR A 339 -44.02 -9.91 -15.19
N ILE A 340 -44.02 -8.78 -15.93
CA ILE A 340 -42.89 -7.81 -16.01
C ILE A 340 -42.41 -7.55 -14.57
N SER A 341 -43.32 -7.11 -13.70
CA SER A 341 -43.04 -6.68 -12.30
C SER A 341 -42.42 -7.82 -11.49
N PHE A 342 -42.91 -9.05 -11.65
CA PHE A 342 -42.30 -10.24 -10.98
C PHE A 342 -40.91 -10.47 -11.56
N CYS A 343 -40.76 -10.39 -12.88
CA CYS A 343 -39.50 -10.74 -13.61
C CYS A 343 -38.33 -9.90 -13.07
N ILE A 344 -38.54 -8.59 -12.87
CA ILE A 344 -37.46 -7.62 -12.50
C ILE A 344 -36.81 -8.08 -11.19
N VAL A 345 -37.64 -8.41 -10.19
CA VAL A 345 -37.19 -8.92 -8.86
C VAL A 345 -36.43 -10.23 -9.08
N LEU A 346 -36.96 -11.13 -9.90
CA LEU A 346 -36.41 -12.49 -10.12
C LEU A 346 -34.98 -12.40 -10.68
N ARG A 347 -34.76 -11.52 -11.67
CA ARG A 347 -33.42 -11.30 -12.29
C ARG A 347 -32.49 -10.67 -11.25
N MET A 348 -32.95 -9.56 -10.67
CA MET A 348 -32.25 -8.95 -9.53
C MET A 348 -31.85 -10.12 -8.63
N ALA A 349 -32.80 -11.02 -8.35
CA ALA A 349 -32.58 -12.19 -7.48
C ALA A 349 -31.52 -13.12 -8.09
N VAL A 350 -31.58 -13.44 -9.38
CA VAL A 350 -30.83 -14.61 -9.94
C VAL A 350 -29.68 -14.17 -10.85
N THR A 351 -29.50 -12.88 -11.13
CA THR A 351 -28.50 -12.42 -12.14
C THR A 351 -27.62 -11.28 -11.63
N ARG A 352 -27.92 -10.63 -10.50
CA ARG A 352 -26.98 -9.68 -9.85
C ARG A 352 -26.98 -9.83 -8.33
N GLN A 353 -27.77 -10.74 -7.76
CA GLN A 353 -27.81 -11.00 -6.30
C GLN A 353 -27.25 -12.39 -6.01
N PHE A 354 -27.27 -13.31 -6.98
CA PHE A 354 -26.67 -14.66 -6.91
C PHE A 354 -25.23 -14.68 -7.41
N PRO A 355 -24.87 -14.00 -8.53
CA PRO A 355 -23.48 -14.05 -9.02
C PRO A 355 -22.52 -13.15 -8.23
N TRP A 356 -23.05 -12.20 -7.44
CA TRP A 356 -22.27 -11.27 -6.58
C TRP A 356 -22.04 -11.87 -5.20
N ALA A 357 -22.88 -12.83 -4.79
CA ALA A 357 -22.79 -13.50 -3.48
C ALA A 357 -21.68 -14.56 -3.54
N VAL A 358 -21.79 -15.50 -4.48
CA VAL A 358 -20.83 -16.63 -4.66
C VAL A 358 -19.43 -16.03 -4.84
N GLN A 359 -19.30 -15.05 -5.72
CA GLN A 359 -18.03 -14.34 -6.00
C GLN A 359 -17.43 -13.82 -4.69
N THR A 360 -18.26 -13.41 -3.72
CA THR A 360 -17.82 -12.91 -2.39
C THR A 360 -17.35 -14.09 -1.54
N TRP A 361 -17.99 -15.26 -1.62
CA TRP A 361 -17.63 -16.47 -0.83
C TRP A 361 -16.27 -17.01 -1.28
N TYR A 362 -15.98 -16.98 -2.59
CA TYR A 362 -14.67 -17.37 -3.16
C TYR A 362 -13.55 -16.48 -2.62
N ASP A 363 -13.74 -15.15 -2.69
CA ASP A 363 -12.71 -14.13 -2.35
C ASP A 363 -12.41 -14.17 -0.83
N SER A 364 -13.46 -14.25 0.00
CA SER A 364 -13.34 -14.29 1.48
C SER A 364 -12.58 -15.54 1.91
N LEU A 365 -13.01 -16.71 1.44
CA LEU A 365 -12.39 -18.01 1.78
C LEU A 365 -10.98 -18.09 1.19
N GLY A 366 -10.78 -17.55 -0.02
CA GLY A 366 -9.45 -17.41 -0.67
C GLY A 366 -8.50 -16.56 0.16
N ALA A 367 -8.98 -15.40 0.62
CA ALA A 367 -8.23 -14.45 1.48
C ALA A 367 -7.95 -15.12 2.84
N ILE A 368 -8.92 -15.84 3.40
CA ILE A 368 -8.78 -16.54 4.71
C ILE A 368 -7.79 -17.71 4.57
N ASN A 369 -7.77 -18.39 3.42
CA ASN A 369 -6.87 -19.54 3.15
C ASN A 369 -5.42 -19.05 3.10
N LYS A 370 -5.17 -17.90 2.46
CA LYS A 370 -3.80 -17.29 2.36
C LYS A 370 -3.33 -16.87 3.75
N ILE A 371 -4.21 -16.27 4.55
CA ILE A 371 -3.93 -15.84 5.95
C ILE A 371 -3.65 -17.10 6.79
N GLN A 372 -4.48 -18.13 6.67
CA GLN A 372 -4.34 -19.42 7.41
C GLN A 372 -3.02 -20.08 7.02
N ASP A 373 -2.69 -20.08 5.73
CA ASP A 373 -1.41 -20.60 5.19
C ASP A 373 -0.24 -19.77 5.73
N PHE A 374 -0.40 -18.44 5.80
CA PHE A 374 0.62 -17.49 6.34
C PHE A 374 0.83 -17.73 7.83
N LEU A 375 -0.23 -18.08 8.57
CA LEU A 375 -0.16 -18.32 10.04
C LEU A 375 0.54 -19.65 10.34
N GLN A 376 0.48 -20.63 9.42
CA GLN A 376 1.12 -21.95 9.60
C GLN A 376 2.42 -21.98 8.81
N LYS A 377 3.47 -21.36 9.36
CA LYS A 377 4.82 -21.26 8.74
C LYS A 377 5.88 -21.48 9.82
N GLN A 378 7.14 -21.62 9.41
CA GLN A 378 8.28 -21.93 10.30
C GLN A 378 8.54 -20.72 11.20
N GLU A 379 8.50 -20.91 12.52
CA GLU A 379 8.63 -19.84 13.54
C GLU A 379 10.07 -19.77 14.06
N TYR A 380 10.50 -18.56 14.45
CA TYR A 380 11.77 -18.33 15.20
C TYR A 380 11.62 -18.95 16.58
N LYS A 381 12.31 -20.07 16.83
CA LYS A 381 12.29 -20.76 18.16
C LYS A 381 13.26 -20.03 19.10
N THR A 382 12.89 -19.94 20.38
CA THR A 382 13.70 -19.32 21.47
C THR A 382 14.02 -20.39 22.49
N LEU A 383 15.28 -20.45 22.95
CA LEU A 383 15.80 -21.48 23.90
C LEU A 383 16.93 -20.90 24.76
N GLU A 384 16.59 -19.94 25.62
CA GLU A 384 17.54 -19.17 26.47
C GLU A 384 17.57 -19.77 27.88
N TYR A 385 18.76 -20.03 28.41
CA TYR A 385 18.98 -20.65 29.74
C TYR A 385 19.49 -19.57 30.71
N ASN A 386 18.55 -18.93 31.43
CA ASN A 386 18.82 -17.87 32.44
C ASN A 386 19.90 -18.35 33.41
N LEU A 387 19.79 -19.59 33.91
CA LEU A 387 20.81 -20.22 34.79
C LEU A 387 22.12 -20.36 34.03
N THR A 388 23.18 -19.72 34.55
CA THR A 388 24.54 -19.72 33.97
C THR A 388 25.52 -19.12 34.99
N THR A 389 26.82 -19.29 34.74
CA THR A 389 27.94 -18.56 35.42
C THR A 389 28.28 -17.29 34.62
N THR A 390 27.40 -16.91 33.67
CA THR A 390 27.62 -15.82 32.68
C THR A 390 28.92 -16.11 31.91
N GLU A 391 29.12 -17.37 31.49
CA GLU A 391 30.22 -17.78 30.59
C GLU A 391 29.62 -18.14 29.23
N VAL A 392 29.79 -17.25 28.24
CA VAL A 392 29.33 -17.48 26.84
C VAL A 392 30.29 -18.50 26.22
N VAL A 393 29.83 -19.75 26.08
CA VAL A 393 30.64 -20.88 25.53
C VAL A 393 30.03 -21.29 24.19
N MET A 394 30.90 -21.48 23.20
CA MET A 394 30.58 -22.00 21.84
C MET A 394 31.60 -23.10 21.52
N GLU A 395 31.15 -24.24 20.99
CA GLU A 395 32.02 -25.42 20.75
C GLU A 395 31.51 -26.23 19.54
N ASN A 396 32.40 -26.45 18.57
CA ASN A 396 32.25 -27.43 17.46
C ASN A 396 31.06 -27.03 16.57
N VAL A 397 30.90 -25.73 16.30
CA VAL A 397 29.72 -25.14 15.60
C VAL A 397 30.00 -25.09 14.09
N THR A 398 29.05 -25.60 13.30
CA THR A 398 28.95 -25.37 11.84
C THR A 398 27.55 -24.84 11.52
N ALA A 399 27.39 -24.15 10.39
CA ALA A 399 26.11 -23.51 9.97
C ALA A 399 26.09 -23.23 8.46
N PHE A 400 24.97 -23.55 7.82
CA PHE A 400 24.63 -23.23 6.41
C PHE A 400 23.47 -22.24 6.41
N TRP A 401 23.39 -21.35 5.41
CA TRP A 401 22.30 -20.36 5.30
C TRP A 401 21.01 -21.04 4.83
N GLU A 402 21.02 -21.61 3.62
CA GLU A 402 19.83 -22.24 2.98
C GLU A 402 19.56 -23.60 3.61
N GLU A 403 18.34 -24.13 3.37
CA GLU A 403 17.86 -25.41 3.95
C GLU A 403 18.51 -26.60 3.25
N GLY A 404 18.58 -26.58 1.91
CA GLY A 404 19.00 -27.73 1.06
C GLY A 404 20.31 -28.35 1.50
N PHE A 405 21.42 -27.60 1.40
CA PHE A 405 22.80 -28.07 1.68
C PHE A 405 22.96 -28.41 3.18
N GLY A 406 22.35 -27.62 4.07
CA GLY A 406 22.32 -27.89 5.52
C GLY A 406 21.65 -29.22 5.84
N GLU A 407 20.47 -29.46 5.26
CA GLU A 407 19.64 -30.69 5.44
C GLU A 407 20.37 -31.89 4.80
N LEU A 408 20.94 -31.70 3.61
CA LEU A 408 21.69 -32.78 2.88
C LEU A 408 22.99 -33.10 3.63
N PHE A 409 23.64 -32.12 4.25
CA PHE A 409 24.82 -32.31 5.13
C PHE A 409 24.40 -33.10 6.38
N GLY A 437 28.13 -26.98 -1.34
CA GLY A 437 28.48 -25.60 -0.96
C GLY A 437 29.06 -25.52 0.45
N THR A 438 30.11 -24.70 0.63
CA THR A 438 30.86 -24.57 1.91
C THR A 438 29.96 -23.89 2.94
N PRO A 439 29.91 -24.38 4.20
CA PRO A 439 29.21 -23.67 5.28
C PRO A 439 29.95 -22.41 5.74
N VAL A 440 29.20 -21.35 6.05
CA VAL A 440 29.74 -19.99 6.41
C VAL A 440 30.53 -20.06 7.72
N LEU A 441 30.27 -21.06 8.57
CA LEU A 441 31.08 -21.37 9.78
C LEU A 441 31.32 -22.88 9.86
N LYS A 442 32.49 -23.30 10.34
CA LYS A 442 32.81 -24.73 10.61
C LYS A 442 33.99 -24.84 11.57
N ASP A 443 33.88 -25.74 12.56
CA ASP A 443 34.95 -26.11 13.51
C ASP A 443 35.38 -24.89 14.32
N ILE A 444 34.41 -24.11 14.82
CA ILE A 444 34.66 -22.92 15.69
C ILE A 444 34.38 -23.33 17.14
N ASN A 445 35.16 -22.79 18.07
CA ASN A 445 35.00 -23.00 19.53
C ASN A 445 35.72 -21.88 20.28
N PHE A 446 35.06 -21.31 21.30
CA PHE A 446 35.66 -20.28 22.19
C PHE A 446 34.94 -20.25 23.54
N LYS A 447 35.64 -19.70 24.54
CA LYS A 447 35.17 -19.61 25.95
C LYS A 447 35.31 -18.16 26.41
N ILE A 448 34.25 -17.56 26.95
CA ILE A 448 34.30 -16.12 27.34
C ILE A 448 33.82 -15.91 28.79
N GLU A 449 34.75 -15.51 29.66
CA GLU A 449 34.48 -15.03 31.04
C GLU A 449 33.79 -13.65 30.96
N ARG A 450 33.17 -13.24 32.07
CA ARG A 450 32.24 -12.06 32.18
C ARG A 450 33.00 -10.81 32.64
N GLY A 451 33.25 -9.88 31.71
CA GLY A 451 34.04 -8.66 31.96
C GLY A 451 35.26 -8.62 31.07
N GLN A 452 35.06 -8.89 29.78
CA GLN A 452 36.14 -8.94 28.77
C GLN A 452 35.48 -8.99 27.39
N LEU A 453 36.11 -8.32 26.42
CA LEU A 453 35.58 -8.15 25.05
C LEU A 453 36.33 -9.10 24.11
N LEU A 454 35.61 -9.73 23.18
CA LEU A 454 36.20 -10.55 22.08
C LEU A 454 36.42 -9.65 20.87
N ALA A 455 37.61 -9.74 20.25
CA ALA A 455 37.95 -9.05 18.99
C ALA A 455 37.75 -10.02 17.83
N VAL A 456 36.59 -9.98 17.18
CA VAL A 456 36.26 -10.83 15.99
C VAL A 456 36.86 -10.13 14.76
N ALA A 457 37.93 -10.69 14.19
CA ALA A 457 38.68 -10.09 13.06
C ALA A 457 38.62 -11.02 11.83
N GLY A 458 38.92 -10.47 10.65
CA GLY A 458 39.00 -11.22 9.38
C GLY A 458 38.70 -10.34 8.17
N SER A 459 38.84 -10.92 6.97
CA SER A 459 38.60 -10.25 5.66
C SER A 459 37.10 -10.24 5.34
N THR A 460 36.71 -9.54 4.27
CA THR A 460 35.28 -9.39 3.85
C THR A 460 34.77 -10.74 3.33
N GLY A 461 33.75 -11.29 4.00
CA GLY A 461 33.16 -12.61 3.72
C GLY A 461 33.81 -13.71 4.55
N ALA A 462 34.31 -13.38 5.73
CA ALA A 462 34.88 -14.33 6.71
C ALA A 462 33.74 -15.05 7.44
N GLY A 463 32.73 -14.30 7.89
CA GLY A 463 31.55 -14.81 8.62
C GLY A 463 31.37 -14.14 9.98
N LYS A 464 31.72 -12.85 10.10
CA LYS A 464 31.75 -12.11 11.38
C LYS A 464 30.33 -11.74 11.78
N THR A 465 29.53 -11.23 10.82
CA THR A 465 28.07 -11.02 10.96
C THR A 465 27.40 -12.37 11.22
N SER A 466 27.74 -13.39 10.43
CA SER A 466 27.19 -14.76 10.52
C SER A 466 27.42 -15.32 11.93
N LEU A 467 28.60 -15.09 12.50
CA LEU A 467 28.94 -15.56 13.88
C LEU A 467 27.97 -14.92 14.89
N LEU A 468 27.72 -13.62 14.76
CA LEU A 468 26.80 -12.87 15.67
C LEU A 468 25.36 -13.35 15.45
N MET A 469 24.99 -13.70 14.21
CA MET A 469 23.64 -14.25 13.90
C MET A 469 23.45 -15.60 14.58
N VAL A 470 24.52 -16.41 14.72
CA VAL A 470 24.48 -17.72 15.44
C VAL A 470 24.34 -17.47 16.94
N ILE A 471 25.03 -16.47 17.49
CA ILE A 471 25.00 -16.12 18.94
C ILE A 471 23.58 -15.66 19.31
N MET A 472 22.94 -14.83 18.47
CA MET A 472 21.56 -14.32 18.69
C MET A 472 20.54 -15.45 18.52
N GLY A 473 20.74 -16.32 17.52
CA GLY A 473 19.87 -17.47 17.22
C GLY A 473 18.99 -17.25 15.99
N GLU A 474 19.34 -16.28 15.14
CA GLU A 474 18.68 -16.06 13.82
C GLU A 474 19.10 -17.19 12.88
N LEU A 475 20.40 -17.47 12.83
CA LEU A 475 20.99 -18.61 12.07
C LEU A 475 21.17 -19.80 13.01
N GLU A 476 20.55 -20.93 12.69
CA GLU A 476 20.54 -22.16 13.54
C GLU A 476 21.66 -23.08 13.07
N PRO A 477 22.56 -23.55 13.97
CA PRO A 477 23.67 -24.40 13.58
C PRO A 477 23.22 -25.86 13.33
N SER A 478 23.80 -26.50 12.31
CA SER A 478 23.52 -27.90 11.91
C SER A 478 24.10 -28.85 12.97
N GLU A 479 25.40 -28.72 13.23
CA GLU A 479 26.12 -29.45 14.31
C GLU A 479 26.85 -28.44 15.19
N GLY A 480 26.72 -28.57 16.51
CA GLY A 480 27.35 -27.71 17.52
C GLY A 480 26.40 -27.43 18.69
N LYS A 481 26.85 -26.62 19.66
CA LYS A 481 26.03 -26.19 20.82
C LYS A 481 26.43 -24.77 21.23
N ILE A 482 25.42 -23.94 21.54
CA ILE A 482 25.55 -22.56 22.08
C ILE A 482 24.82 -22.53 23.43
N LYS A 483 25.34 -21.75 24.38
CA LYS A 483 24.58 -21.42 25.62
C LYS A 483 25.13 -20.12 26.23
N HIS A 484 24.21 -19.17 26.44
CA HIS A 484 24.37 -17.94 27.26
C HIS A 484 22.99 -17.59 27.84
N SER A 485 22.91 -16.60 28.73
CA SER A 485 21.61 -16.14 29.31
C SER A 485 20.80 -15.38 28.25
N GLY A 486 19.50 -15.27 28.46
CA GLY A 486 18.52 -14.70 27.50
C GLY A 486 18.75 -13.23 27.19
N ARG A 487 19.28 -12.45 28.14
CA ARG A 487 19.50 -10.99 27.98
C ARG A 487 20.66 -10.77 27.01
N ILE A 488 20.43 -9.98 25.95
CA ILE A 488 21.44 -9.69 24.88
C ILE A 488 21.13 -8.33 24.24
N SER A 489 22.18 -7.62 23.83
CA SER A 489 22.12 -6.36 23.04
C SER A 489 22.85 -6.56 21.72
N PHE A 490 22.46 -5.81 20.68
CA PHE A 490 22.92 -6.01 19.29
C PHE A 490 22.96 -4.68 18.53
N CYS A 491 24.16 -4.24 18.15
CA CYS A 491 24.39 -3.12 17.19
C CYS A 491 24.76 -3.69 15.82
N SER A 492 23.82 -3.63 14.87
CA SER A 492 23.93 -4.24 13.52
C SER A 492 24.92 -3.44 12.66
N GLN A 493 25.33 -4.02 11.53
CA GLN A 493 26.28 -3.38 10.58
C GLN A 493 25.53 -2.34 9.74
N PHE A 494 24.38 -2.72 9.17
CA PHE A 494 23.41 -1.79 8.54
C PHE A 494 22.54 -1.17 9.64
N SER A 495 22.77 0.10 9.95
CA SER A 495 22.08 0.85 11.04
C SER A 495 20.60 1.03 10.69
N TRP A 496 19.71 0.91 11.68
CA TRP A 496 18.24 0.97 11.53
C TRP A 496 17.65 2.04 12.44
N ILE A 497 16.87 2.97 11.89
CA ILE A 497 16.24 4.10 12.63
C ILE A 497 14.72 4.01 12.45
N MET A 498 13.98 3.71 13.52
CA MET A 498 12.49 3.66 13.49
C MET A 498 11.95 5.08 13.43
N PRO A 499 10.69 5.32 12.98
CA PRO A 499 10.16 6.67 12.87
C PRO A 499 9.85 7.26 14.25
N GLY A 500 10.41 8.44 14.55
CA GLY A 500 10.19 9.15 15.82
C GLY A 500 11.37 10.03 16.17
N THR A 501 11.55 10.29 17.47
CA THR A 501 12.59 11.20 18.02
C THR A 501 13.85 10.39 18.35
N ILE A 502 14.99 11.07 18.39
CA ILE A 502 16.33 10.49 18.74
C ILE A 502 16.24 9.86 20.14
N LYS A 503 15.47 10.47 21.05
CA LYS A 503 15.17 9.92 22.39
C LYS A 503 14.42 8.59 22.26
N GLU A 504 13.33 8.57 21.48
CA GLU A 504 12.49 7.37 21.25
C GLU A 504 13.32 6.29 20.56
N ASN A 505 14.31 6.67 19.75
CA ASN A 505 15.28 5.72 19.15
C ASN A 505 16.22 5.16 20.23
N ILE A 506 16.83 6.01 21.05
CA ILE A 506 17.95 5.60 21.97
C ILE A 506 17.41 4.78 23.16
N ILE A 507 16.26 5.16 23.75
CA ILE A 507 15.67 4.42 24.90
C ILE A 507 14.93 3.18 24.39
N PHE A 508 14.09 3.34 23.36
CA PHE A 508 13.48 2.23 22.59
C PHE A 508 12.49 1.45 23.47
N GLY A 509 11.33 2.05 23.75
CA GLY A 509 10.16 1.40 24.37
C GLY A 509 10.38 1.00 25.83
N VAL A 510 11.05 1.84 26.63
CA VAL A 510 11.25 1.64 28.10
C VAL A 510 11.17 3.00 28.80
N SER A 511 11.23 2.97 30.14
CA SER A 511 11.27 4.18 31.02
C SER A 511 12.51 5.02 30.73
N TYR A 512 12.44 6.31 31.06
CA TYR A 512 13.51 7.32 30.84
C TYR A 512 14.27 7.50 32.17
N ASP A 513 15.60 7.60 32.08
CA ASP A 513 16.50 7.84 33.24
C ASP A 513 17.52 8.91 32.87
N GLU A 514 17.34 10.11 33.41
CA GLU A 514 18.14 11.33 33.12
C GLU A 514 19.64 11.03 33.27
N TYR A 515 20.04 10.39 34.36
CA TYR A 515 21.46 10.10 34.69
C TYR A 515 22.07 9.17 33.63
N ARG A 516 21.32 8.12 33.25
CA ARG A 516 21.77 7.07 32.31
C ARG A 516 21.90 7.64 30.89
N TYR A 517 20.82 8.27 30.41
CA TYR A 517 20.65 8.77 29.02
C TYR A 517 21.73 9.80 28.68
N ARG A 518 21.92 10.79 29.56
CA ARG A 518 22.94 11.87 29.41
C ARG A 518 24.34 11.27 29.41
N SER A 519 24.62 10.32 30.31
CA SER A 519 25.95 9.67 30.44
C SER A 519 26.27 8.85 29.18
N VAL A 520 25.26 8.28 28.51
CA VAL A 520 25.42 7.51 27.24
C VAL A 520 25.79 8.47 26.10
N ILE A 521 25.10 9.61 26.02
CA ILE A 521 25.22 10.58 24.89
C ILE A 521 26.60 11.24 24.92
N LYS A 522 27.18 11.47 26.12
CA LYS A 522 28.53 12.06 26.31
C LYS A 522 29.62 11.00 26.05
N ALA A 523 29.33 9.74 26.38
CA ALA A 523 30.21 8.58 26.08
C ALA A 523 30.29 8.40 24.56
N CYS A 524 29.13 8.27 23.90
CA CYS A 524 29.00 8.14 22.42
C CYS A 524 29.32 9.48 21.72
N GLN A 525 29.37 10.58 22.48
CA GLN A 525 29.63 11.98 22.02
C GLN A 525 28.76 12.31 20.81
N LEU A 526 27.44 12.40 21.05
CA LEU A 526 26.46 13.04 20.12
C LEU A 526 26.16 14.47 20.59
N GLU A 527 26.72 14.91 21.71
CA GLU A 527 26.51 16.27 22.31
C GLU A 527 26.81 17.35 21.26
N GLU A 528 27.90 17.17 20.50
CA GLU A 528 28.30 18.03 19.35
C GLU A 528 27.14 18.07 18.34
N ASP A 529 26.71 16.90 17.85
CA ASP A 529 25.78 16.74 16.70
C ASP A 529 24.36 17.15 17.10
N ILE A 530 23.95 16.87 18.34
CA ILE A 530 22.58 17.13 18.87
C ILE A 530 22.40 18.64 19.11
N SER A 531 23.47 19.34 19.52
CA SER A 531 23.44 20.80 19.85
C SER A 531 23.28 21.64 18.58
N LYS A 532 23.76 21.15 17.42
CA LYS A 532 23.69 21.88 16.11
C LYS A 532 22.25 21.90 15.58
N PHE A 533 21.40 20.94 15.95
CA PHE A 533 19.96 20.89 15.57
C PHE A 533 19.20 22.02 16.26
N ALA A 534 18.12 22.50 15.63
CA ALA A 534 17.24 23.57 16.14
C ALA A 534 16.44 23.06 17.35
N GLU A 535 15.53 22.09 17.14
CA GLU A 535 14.93 21.29 18.22
C GLU A 535 16.01 20.33 18.72
N LYS A 536 16.56 20.59 19.91
CA LYS A 536 17.85 20.01 20.37
C LYS A 536 17.74 18.49 20.46
N ASP A 537 16.99 17.98 21.44
CA ASP A 537 16.88 16.52 21.73
C ASP A 537 16.01 15.86 20.67
N ASN A 538 14.75 16.27 20.59
CA ASN A 538 13.66 15.54 19.87
C ASN A 538 13.40 16.24 18.52
N ILE A 539 13.81 15.59 17.43
CA ILE A 539 13.38 15.93 16.04
C ILE A 539 12.77 14.67 15.41
N VAL A 540 11.65 14.83 14.71
CA VAL A 540 10.89 13.69 14.10
C VAL A 540 11.67 13.20 12.88
N LEU A 541 12.42 12.10 13.04
CA LEU A 541 13.18 11.43 11.94
C LEU A 541 12.20 10.61 11.10
N GLY A 542 12.44 10.55 9.78
CA GLY A 542 11.62 9.78 8.82
C GLY A 542 11.89 8.29 8.92
N GLU A 543 11.30 7.51 8.01
CA GLU A 543 11.52 6.05 7.89
C GLU A 543 12.94 5.81 7.37
N GLY A 544 13.86 5.36 8.24
CA GLY A 544 15.26 5.06 7.89
C GLY A 544 16.23 6.13 8.37
N GLY A 545 15.78 7.39 8.44
CA GLY A 545 16.55 8.51 9.03
C GLY A 545 17.55 9.09 8.04
N ILE A 546 17.09 9.41 6.83
CA ILE A 546 17.92 10.03 5.75
C ILE A 546 18.17 11.52 6.07
N THR A 547 17.44 12.10 7.03
CA THR A 547 17.74 13.42 7.65
C THR A 547 19.15 13.39 8.27
N LEU A 548 19.57 12.26 8.83
CA LEU A 548 20.90 12.07 9.45
C LEU A 548 21.90 11.52 8.42
N SER A 549 23.19 11.79 8.62
CA SER A 549 24.32 11.18 7.87
C SER A 549 24.60 9.77 8.41
N GLY A 550 25.53 9.05 7.77
CA GLY A 550 25.92 7.67 8.12
C GLY A 550 26.48 7.57 9.53
N GLY A 551 27.35 8.51 9.91
CA GLY A 551 27.99 8.55 11.24
C GLY A 551 26.99 8.79 12.35
N GLN A 552 25.98 9.62 12.11
CA GLN A 552 24.95 9.98 13.13
C GLN A 552 24.04 8.78 13.41
N ARG A 553 23.74 7.96 12.39
CA ARG A 553 22.88 6.76 12.50
C ARG A 553 23.62 5.66 13.29
N ALA A 554 24.88 5.40 12.92
CA ALA A 554 25.74 4.38 13.55
C ALA A 554 25.83 4.61 15.07
N ARG A 555 26.07 5.86 15.48
CA ARG A 555 26.21 6.25 16.91
C ARG A 555 24.85 6.21 17.63
N ILE A 556 23.75 6.48 16.93
CA ILE A 556 22.37 6.32 17.50
C ILE A 556 22.12 4.82 17.73
N SER A 557 22.44 3.99 16.74
CA SER A 557 22.34 2.49 16.86
C SER A 557 23.21 2.02 18.03
N LEU A 558 24.41 2.57 18.16
CA LEU A 558 25.35 2.22 19.27
C LEU A 558 24.78 2.70 20.61
N ALA A 559 24.22 3.92 20.65
CA ALA A 559 23.59 4.52 21.86
C ALA A 559 22.39 3.68 22.31
N ARG A 560 21.57 3.22 21.36
CA ARG A 560 20.42 2.32 21.64
C ARG A 560 20.93 1.00 22.24
N ALA A 561 22.04 0.48 21.71
CA ALA A 561 22.67 -0.77 22.18
C ALA A 561 23.24 -0.56 23.59
N VAL A 562 23.90 0.59 23.83
CA VAL A 562 24.59 0.89 25.13
C VAL A 562 23.54 1.18 26.21
N TYR A 563 22.49 1.95 25.89
CA TYR A 563 21.44 2.35 26.86
C TYR A 563 20.69 1.12 27.37
N LYS A 564 20.44 0.14 26.50
CA LYS A 564 19.87 -1.20 26.87
C LYS A 564 20.84 -1.90 27.83
N ASP A 565 20.31 -2.61 28.83
CA ASP A 565 21.12 -3.35 29.84
C ASP A 565 20.94 -4.86 29.59
N ALA A 566 22.04 -5.60 29.54
CA ALA A 566 22.06 -7.05 29.24
C ALA A 566 23.41 -7.64 29.64
N ASP A 567 23.50 -8.97 29.63
CA ASP A 567 24.71 -9.74 29.99
C ASP A 567 25.72 -9.68 28.85
N LEU A 568 25.24 -9.74 27.59
CA LEU A 568 26.09 -9.80 26.36
C LEU A 568 25.73 -8.65 25.40
N TYR A 569 26.74 -7.86 24.99
CA TYR A 569 26.63 -6.77 23.99
C TYR A 569 27.33 -7.19 22.71
N LEU A 570 26.59 -7.34 21.60
CA LEU A 570 27.15 -7.64 20.26
C LEU A 570 27.28 -6.32 19.48
N LEU A 571 28.46 -6.07 18.92
CA LEU A 571 28.80 -4.81 18.20
C LEU A 571 29.40 -5.18 16.84
N ASP A 572 28.60 -5.03 15.77
CA ASP A 572 28.96 -5.46 14.39
C ASP A 572 29.61 -4.29 13.65
N SER A 573 30.80 -3.89 14.09
CA SER A 573 31.66 -2.85 13.47
C SER A 573 30.94 -1.51 13.47
N PRO A 574 30.77 -0.86 14.64
CA PRO A 574 30.16 0.46 14.71
C PRO A 574 31.10 1.61 14.33
N PHE A 575 32.40 1.34 14.14
CA PHE A 575 33.45 2.35 13.86
C PHE A 575 33.78 2.39 12.36
N GLY A 576 32.83 2.03 11.49
CA GLY A 576 33.02 2.03 10.02
C GLY A 576 32.97 3.44 9.46
N TYR A 577 31.90 4.17 9.78
CA TYR A 577 31.64 5.54 9.23
C TYR A 577 32.26 6.63 10.10
N LEU A 578 32.93 6.29 11.22
CA LEU A 578 33.53 7.28 12.15
C LEU A 578 34.97 7.60 11.73
N ASP A 579 35.40 8.84 11.93
CA ASP A 579 36.81 9.28 11.77
C ASP A 579 37.64 8.76 12.95
N VAL A 580 38.97 8.86 12.84
CA VAL A 580 39.93 8.17 13.77
C VAL A 580 39.84 8.83 15.15
N LEU A 581 39.66 10.16 15.20
CA LEU A 581 39.56 10.93 16.46
C LEU A 581 38.32 10.49 17.24
N THR A 582 37.15 10.47 16.59
CA THR A 582 35.86 10.01 17.17
C THR A 582 35.98 8.53 17.55
N GLU A 583 36.56 7.71 16.65
CA GLU A 583 36.73 6.24 16.82
C GLU A 583 37.53 5.95 18.09
N LYS A 584 38.65 6.64 18.33
CA LYS A 584 39.52 6.42 19.51
C LYS A 584 38.80 6.87 20.78
N GLU A 585 38.21 8.06 20.74
CA GLU A 585 37.51 8.68 21.91
C GLU A 585 36.33 7.80 22.32
N ILE A 586 35.49 7.38 21.35
CA ILE A 586 34.26 6.55 21.60
C ILE A 586 34.68 5.16 22.09
N PHE A 587 35.76 4.59 21.55
CA PHE A 587 36.34 3.31 22.02
C PHE A 587 36.87 3.50 23.43
N GLU A 588 37.75 4.49 23.64
CA GLU A 588 38.35 4.81 24.96
C GLU A 588 37.35 5.58 25.85
N SER A 589 36.08 5.73 25.46
CA SER A 589 35.05 6.46 26.25
C SER A 589 33.82 5.59 26.54
N CYS A 590 33.51 4.58 25.73
CA CYS A 590 32.26 3.76 25.88
C CYS A 590 32.60 2.28 26.10
N VAL A 591 33.32 1.66 25.15
CA VAL A 591 33.58 0.19 25.12
C VAL A 591 34.40 -0.20 26.36
N CYS A 592 35.42 0.58 26.74
CA CYS A 592 36.34 0.26 27.85
C CYS A 592 35.98 1.02 29.14
N LYS A 593 35.01 1.94 29.11
CA LYS A 593 34.67 2.80 30.28
C LYS A 593 33.25 2.49 30.76
N LEU A 594 32.24 2.72 29.91
CA LEU A 594 30.81 2.61 30.28
C LEU A 594 30.48 1.15 30.59
N MET A 595 30.99 0.21 29.78
CA MET A 595 30.86 -1.26 29.98
C MET A 595 32.26 -1.89 29.94
N ALA A 596 32.76 -2.35 31.09
CA ALA A 596 34.08 -3.03 31.21
C ALA A 596 34.08 -3.98 32.41
N ASN A 597 32.99 -4.74 32.57
CA ASN A 597 32.83 -5.80 33.60
C ASN A 597 31.96 -6.95 33.05
N LYS A 598 31.65 -6.94 31.75
CA LYS A 598 30.81 -7.96 31.08
C LYS A 598 31.29 -8.46 29.72
N THR A 599 30.83 -9.65 29.35
CA THR A 599 31.14 -10.23 28.02
C THR A 599 30.57 -9.47 26.81
N ARG A 600 31.42 -8.77 26.05
CA ARG A 600 30.99 -7.91 24.91
C ARG A 600 31.74 -8.20 23.61
N ILE A 601 31.37 -9.26 22.88
CA ILE A 601 32.01 -9.63 21.58
C ILE A 601 31.84 -8.44 20.61
N LEU A 602 32.91 -8.03 19.94
CA LEU A 602 32.94 -6.89 18.99
C LEU A 602 33.54 -7.35 17.65
N VAL A 603 33.20 -6.63 16.58
CA VAL A 603 33.77 -6.83 15.22
C VAL A 603 34.61 -5.61 14.84
N THR A 604 35.90 -5.82 14.58
CA THR A 604 36.85 -4.74 14.21
C THR A 604 38.10 -5.31 13.53
N SER A 605 38.85 -4.45 12.85
CA SER A 605 40.09 -4.80 12.09
C SER A 605 41.08 -3.63 12.19
N LYS A 606 41.59 -3.40 13.40
CA LYS A 606 42.69 -2.43 13.69
C LYS A 606 43.55 -2.99 14.83
N MET A 607 44.85 -2.66 14.83
CA MET A 607 45.84 -3.12 15.83
C MET A 607 45.52 -2.52 17.20
N GLU A 608 45.17 -1.23 17.25
CA GLU A 608 44.88 -0.47 18.50
C GLU A 608 43.78 -1.16 19.31
N HIS A 609 42.74 -1.69 18.65
CA HIS A 609 41.58 -2.35 19.30
C HIS A 609 41.97 -3.76 19.78
N LEU A 610 42.78 -4.48 19.02
CA LEU A 610 43.25 -5.85 19.38
C LEU A 610 44.27 -5.80 20.52
N LYS A 611 44.97 -4.66 20.72
CA LYS A 611 45.96 -4.49 21.81
C LYS A 611 45.23 -4.50 23.16
N LYS A 612 44.22 -3.65 23.32
CA LYS A 612 43.47 -3.48 24.59
C LYS A 612 42.57 -4.69 24.85
N ALA A 613 42.09 -5.36 23.78
CA ALA A 613 41.27 -6.60 23.87
C ALA A 613 42.09 -7.73 24.49
N ASP A 614 41.42 -8.63 25.22
CA ASP A 614 42.01 -9.77 25.97
C ASP A 614 42.04 -11.03 25.09
N LYS A 615 40.97 -11.31 24.35
CA LYS A 615 40.86 -12.53 23.51
C LYS A 615 40.48 -12.14 22.07
N ILE A 616 41.16 -12.74 21.10
CA ILE A 616 41.05 -12.43 19.65
C ILE A 616 40.62 -13.70 18.91
N LEU A 617 39.77 -13.54 17.88
CA LEU A 617 39.33 -14.62 16.98
C LEU A 617 39.42 -14.12 15.53
N ILE A 618 40.40 -14.61 14.77
CA ILE A 618 40.59 -14.24 13.34
C ILE A 618 39.92 -15.31 12.47
N LEU A 619 38.76 -14.99 11.91
CA LEU A 619 38.03 -15.87 10.95
C LEU A 619 38.61 -15.69 9.55
N HIS A 620 38.48 -16.72 8.71
CA HIS A 620 38.95 -16.72 7.29
C HIS A 620 38.25 -17.85 6.53
N GLU A 621 37.54 -17.51 5.46
CA GLU A 621 36.78 -18.47 4.60
C GLU A 621 35.89 -19.36 5.48
N GLY A 622 35.28 -18.78 6.53
CA GLY A 622 34.43 -19.50 7.50
C GLY A 622 35.18 -20.52 8.33
N SER A 623 36.48 -20.28 8.59
CA SER A 623 37.35 -21.16 9.40
C SER A 623 38.21 -20.31 10.34
N SER A 624 38.38 -20.77 11.59
CA SER A 624 39.23 -20.11 12.61
C SER A 624 40.71 -20.26 12.21
N TYR A 625 41.28 -19.21 11.62
CA TYR A 625 42.72 -19.13 11.26
C TYR A 625 43.55 -19.13 12.56
N PHE A 626 43.14 -18.30 13.53
CA PHE A 626 43.79 -18.17 14.86
C PHE A 626 42.73 -17.97 15.96
N TYR A 627 43.03 -18.43 17.17
CA TYR A 627 42.26 -18.16 18.41
C TYR A 627 43.21 -18.12 19.61
N GLY A 628 43.22 -16.99 20.34
CA GLY A 628 44.02 -16.81 21.57
C GLY A 628 44.00 -15.38 22.06
N THR A 629 45.15 -14.91 22.57
CA THR A 629 45.36 -13.51 23.08
C THR A 629 46.31 -12.77 22.12
N PHE A 630 46.48 -11.46 22.36
CA PHE A 630 47.31 -10.56 21.52
C PHE A 630 48.79 -10.91 21.68
N SER A 631 49.24 -11.13 22.92
CA SER A 631 50.65 -11.47 23.29
C SER A 631 51.05 -12.80 22.64
N GLU A 632 50.12 -13.77 22.58
CA GLU A 632 50.34 -15.10 21.96
C GLU A 632 50.50 -14.97 20.44
N LEU A 633 49.70 -14.10 19.81
CA LEU A 633 49.62 -13.99 18.32
C LEU A 633 50.95 -13.47 17.76
N GLN A 634 51.49 -12.41 18.34
CA GLN A 634 52.85 -11.88 18.04
C GLN A 634 53.89 -13.00 18.23
N ASN A 635 53.76 -13.75 19.33
CA ASN A 635 54.62 -14.93 19.63
C ASN A 635 54.53 -15.95 18.49
N LEU A 636 53.31 -16.20 17.99
CA LEU A 636 52.99 -17.25 16.98
C LEU A 636 53.66 -16.92 15.65
N GLN A 637 53.60 -15.66 15.20
CA GLN A 637 54.18 -15.20 13.90
C GLN A 637 54.76 -13.78 14.07
N THR A 845 -14.21 19.42 -7.70
CA THR A 845 -14.87 18.11 -8.02
C THR A 845 -15.09 18.00 -9.53
N TRP A 846 -15.73 19.00 -10.13
CA TRP A 846 -15.95 19.10 -11.60
C TRP A 846 -14.61 18.97 -12.33
N ASN A 847 -13.54 19.58 -11.80
CA ASN A 847 -12.19 19.55 -12.43
C ASN A 847 -11.60 18.14 -12.33
N THR A 848 -11.86 17.40 -11.24
CA THR A 848 -11.44 15.98 -11.07
C THR A 848 -12.16 15.09 -12.10
N TYR A 849 -13.48 15.28 -12.26
CA TYR A 849 -14.33 14.53 -13.22
C TYR A 849 -14.06 14.95 -14.67
N LEU A 850 -13.24 15.98 -14.91
CA LEU A 850 -12.96 16.55 -16.26
C LEU A 850 -11.52 16.27 -16.67
N ARG A 851 -10.58 16.20 -15.72
CA ARG A 851 -9.15 15.88 -15.97
C ARG A 851 -8.97 14.37 -16.14
N TYR A 852 -9.97 13.56 -15.77
CA TYR A 852 -9.94 12.07 -15.89
C TYR A 852 -10.55 11.62 -17.23
N ILE A 853 -11.34 12.47 -17.88
CA ILE A 853 -11.99 12.17 -19.20
C ILE A 853 -11.12 12.73 -20.34
N THR A 854 -10.23 13.69 -20.07
CA THR A 854 -9.43 14.40 -21.10
C THR A 854 -7.95 14.02 -20.98
N VAL A 855 -7.64 12.89 -20.33
CA VAL A 855 -6.29 12.26 -20.39
C VAL A 855 -6.15 11.63 -21.78
N HIS A 856 -7.13 10.81 -22.16
CA HIS A 856 -7.09 9.93 -23.35
C HIS A 856 -8.26 10.30 -24.27
N LYS A 857 -7.97 10.55 -25.56
CA LYS A 857 -8.93 11.08 -26.55
C LYS A 857 -9.95 9.99 -26.95
N SER A 858 -9.53 8.72 -26.95
CA SER A 858 -10.39 7.56 -27.29
C SER A 858 -11.66 7.56 -26.43
N LEU A 859 -11.53 7.87 -25.13
CA LEU A 859 -12.65 7.86 -24.16
C LEU A 859 -13.74 8.84 -24.60
N ILE A 860 -13.37 10.04 -25.06
CA ILE A 860 -14.35 11.10 -25.46
C ILE A 860 -15.00 10.69 -26.79
N PHE A 861 -14.26 10.02 -27.69
CA PHE A 861 -14.83 9.47 -28.96
C PHE A 861 -15.81 8.34 -28.65
N VAL A 862 -15.47 7.46 -27.70
CA VAL A 862 -16.33 6.28 -27.32
C VAL A 862 -17.63 6.78 -26.68
N LEU A 863 -17.55 7.77 -25.79
CA LEU A 863 -18.73 8.31 -25.05
C LEU A 863 -19.68 9.03 -26.03
N ILE A 864 -19.14 9.80 -26.98
CA ILE A 864 -19.91 10.45 -28.07
C ILE A 864 -20.54 9.35 -28.93
N TRP A 865 -19.78 8.30 -29.24
CA TRP A 865 -20.25 7.15 -30.06
C TRP A 865 -21.42 6.46 -29.34
N CYS A 866 -21.32 6.23 -28.04
CA CYS A 866 -22.40 5.66 -27.19
C CYS A 866 -23.66 6.54 -27.21
N LEU A 867 -23.46 7.87 -27.10
CA LEU A 867 -24.56 8.87 -26.97
C LEU A 867 -25.37 8.95 -28.27
N VAL A 868 -24.70 8.94 -29.43
CA VAL A 868 -25.38 9.05 -30.76
C VAL A 868 -26.20 7.78 -31.02
N ILE A 869 -25.70 6.62 -30.59
CA ILE A 869 -26.44 5.33 -30.67
C ILE A 869 -27.59 5.37 -29.66
N PHE A 870 -27.36 5.90 -28.45
CA PHE A 870 -28.40 6.08 -27.41
C PHE A 870 -29.54 6.95 -27.95
N LEU A 871 -29.22 8.08 -28.60
CA LEU A 871 -30.22 9.01 -29.20
C LEU A 871 -31.05 8.27 -30.25
N ALA A 872 -30.42 7.38 -31.02
CA ALA A 872 -31.05 6.61 -32.12
C ALA A 872 -32.13 5.66 -31.57
N GLU A 873 -31.84 4.95 -30.46
CA GLU A 873 -32.77 3.97 -29.83
C GLU A 873 -33.87 4.71 -29.07
N VAL A 874 -33.56 5.85 -28.46
CA VAL A 874 -34.58 6.78 -27.87
C VAL A 874 -35.50 7.25 -29.00
N ALA A 875 -34.92 7.62 -30.16
CA ALA A 875 -35.66 8.05 -31.36
C ALA A 875 -36.50 6.90 -31.91
N ALA A 876 -35.94 5.69 -31.98
CA ALA A 876 -36.58 4.48 -32.53
C ALA A 876 -37.81 4.11 -31.70
N SER A 877 -37.67 4.07 -30.38
CA SER A 877 -38.75 3.70 -29.42
C SER A 877 -39.91 4.69 -29.50
N LEU A 878 -39.60 5.98 -29.73
CA LEU A 878 -40.58 7.11 -29.78
C LEU A 878 -41.58 6.89 -30.93
N VAL A 879 -41.09 6.51 -32.12
CA VAL A 879 -41.92 6.31 -33.34
C VAL A 879 -42.60 4.93 -33.28
N VAL A 880 -42.00 3.96 -32.59
CA VAL A 880 -42.66 2.66 -32.24
C VAL A 880 -43.88 2.99 -31.38
N LEU A 881 -43.68 3.69 -30.27
CA LEU A 881 -44.78 4.05 -29.32
C LEU A 881 -45.76 5.04 -29.97
N TRP A 882 -45.34 5.82 -30.98
CA TRP A 882 -46.24 6.68 -31.79
C TRP A 882 -47.22 5.81 -32.58
N LEU A 883 -46.69 4.85 -33.34
CA LEU A 883 -47.47 3.88 -34.15
C LEU A 883 -48.39 3.10 -33.21
N LEU A 884 -47.84 2.56 -32.12
CA LEU A 884 -48.54 1.62 -31.19
C LEU A 884 -49.75 2.33 -30.56
N GLY A 885 -49.53 3.52 -29.98
CA GLY A 885 -50.57 4.33 -29.31
C GLY A 885 -51.69 4.73 -30.25
N ASN A 886 -51.35 5.06 -31.51
CA ASN A 886 -52.28 5.61 -32.54
C ASN A 886 -52.99 4.47 -33.29
N THR A 887 -52.99 3.24 -32.76
CA THR A 887 -53.65 2.05 -33.37
C THR A 887 -55.16 2.28 -33.44
N PRO A 888 -55.85 1.87 -34.54
CA PRO A 888 -57.31 1.93 -34.62
C PRO A 888 -58.04 0.76 -33.91
N LEU A 889 -57.31 -0.24 -33.39
CA LEU A 889 -57.86 -1.42 -32.68
C LEU A 889 -58.42 -0.95 -31.33
N ASN A 900 -61.72 -11.93 -32.52
CA ASN A 900 -60.87 -12.52 -33.59
C ASN A 900 -59.38 -12.28 -33.29
N ASN A 901 -59.01 -11.07 -32.84
CA ASN A 901 -57.61 -10.68 -32.52
C ASN A 901 -57.27 -11.15 -31.10
N SER A 902 -57.19 -12.47 -30.91
CA SER A 902 -56.85 -13.14 -29.63
C SER A 902 -55.41 -12.77 -29.21
N TYR A 903 -54.51 -12.57 -30.18
CA TYR A 903 -53.04 -12.35 -30.03
C TYR A 903 -52.75 -11.46 -28.82
N ALA A 904 -53.42 -10.32 -28.71
CA ALA A 904 -53.29 -9.36 -27.58
C ALA A 904 -54.57 -8.53 -27.44
N VAL A 905 -55.31 -8.75 -26.34
CA VAL A 905 -56.62 -8.08 -26.04
C VAL A 905 -56.32 -6.68 -25.52
N ILE A 906 -56.89 -5.66 -26.17
CA ILE A 906 -56.81 -4.23 -25.74
C ILE A 906 -58.19 -3.60 -25.87
N ILE A 907 -58.55 -2.69 -24.97
CA ILE A 907 -59.74 -1.79 -25.09
C ILE A 907 -59.27 -0.36 -24.83
N THR A 908 -60.02 0.62 -25.32
CA THR A 908 -59.79 2.09 -25.18
C THR A 908 -59.36 2.43 -23.74
N SER A 909 -60.05 1.87 -22.75
CA SER A 909 -59.78 2.06 -21.30
C SER A 909 -58.37 1.57 -20.96
N THR A 910 -58.17 0.23 -20.95
CA THR A 910 -56.94 -0.50 -20.54
C THR A 910 -55.72 -0.04 -21.36
N SER A 911 -55.88 0.12 -22.67
CA SER A 911 -54.80 0.50 -23.62
C SER A 911 -53.93 1.59 -23.00
N SER A 912 -54.55 2.72 -22.65
CA SER A 912 -53.91 4.03 -22.36
C SER A 912 -52.94 3.94 -21.17
N TYR A 913 -53.20 3.08 -20.17
CA TYR A 913 -52.45 3.09 -18.88
C TYR A 913 -51.82 1.72 -18.60
N TYR A 914 -51.65 0.86 -19.61
CA TYR A 914 -50.81 -0.37 -19.52
C TYR A 914 -49.71 -0.33 -20.58
N VAL A 915 -50.03 0.18 -21.77
CA VAL A 915 -49.10 0.21 -22.94
C VAL A 915 -47.83 0.99 -22.56
N PHE A 916 -47.97 2.03 -21.73
CA PHE A 916 -46.84 2.89 -21.27
C PHE A 916 -46.02 2.16 -20.21
N TYR A 917 -46.70 1.52 -19.24
CA TYR A 917 -46.08 0.76 -18.12
C TYR A 917 -45.26 -0.42 -18.67
N ILE A 918 -45.76 -1.08 -19.72
CA ILE A 918 -45.05 -2.21 -20.40
C ILE A 918 -43.71 -1.71 -20.92
N TYR A 919 -43.69 -0.52 -21.54
CA TYR A 919 -42.48 0.13 -22.11
C TYR A 919 -41.46 0.45 -21.01
N VAL A 920 -41.93 1.01 -19.88
CA VAL A 920 -41.07 1.44 -18.73
C VAL A 920 -40.34 0.21 -18.15
N GLY A 921 -41.02 -0.94 -18.07
CA GLY A 921 -40.47 -2.21 -17.59
C GLY A 921 -39.56 -2.91 -18.60
N VAL A 922 -39.71 -2.62 -19.89
CA VAL A 922 -38.90 -3.22 -21.00
C VAL A 922 -37.95 -2.16 -21.56
N ALA A 923 -37.76 -1.03 -20.85
CA ALA A 923 -36.84 0.06 -21.25
C ALA A 923 -35.44 -0.16 -20.66
N ASP A 924 -35.23 -1.26 -19.92
CA ASP A 924 -33.93 -1.63 -19.32
C ASP A 924 -33.08 -2.39 -20.34
N THR A 925 -33.72 -3.04 -21.33
CA THR A 925 -33.04 -3.82 -22.40
C THR A 925 -32.95 -2.98 -23.68
N LEU A 926 -34.03 -2.30 -24.06
CA LEU A 926 -34.07 -1.44 -25.28
C LEU A 926 -32.96 -0.39 -25.21
N LEU A 927 -32.82 0.27 -24.06
CA LEU A 927 -31.79 1.32 -23.83
C LEU A 927 -30.58 0.71 -23.09
N ALA A 928 -30.18 -0.50 -23.46
CA ALA A 928 -29.02 -1.22 -22.88
C ALA A 928 -27.79 -1.00 -23.75
N MET A 929 -26.59 -1.04 -23.15
CA MET A 929 -25.29 -0.98 -23.87
C MET A 929 -24.92 -2.40 -24.30
N GLY A 930 -24.63 -2.60 -25.58
CA GLY A 930 -24.24 -3.90 -26.17
C GLY A 930 -22.75 -4.11 -26.07
N PHE A 931 -22.23 -5.12 -26.77
CA PHE A 931 -20.77 -5.43 -26.79
C PHE A 931 -20.09 -4.56 -27.84
N PHE A 932 -20.84 -3.68 -28.53
CA PHE A 932 -20.32 -2.61 -29.42
C PHE A 932 -20.06 -1.34 -28.61
N ARG A 933 -20.92 -1.05 -27.62
CA ARG A 933 -20.86 0.17 -26.76
C ARG A 933 -20.08 -0.10 -25.47
N GLY A 934 -20.33 -1.23 -24.80
CA GLY A 934 -19.78 -1.55 -23.47
C GLY A 934 -18.32 -1.98 -23.50
N LEU A 935 -17.90 -2.67 -24.56
CA LEU A 935 -16.52 -3.22 -24.69
C LEU A 935 -15.49 -2.08 -24.78
N PRO A 936 -15.54 -1.19 -25.79
CA PRO A 936 -14.54 -0.12 -25.91
C PRO A 936 -14.48 0.84 -24.70
N LEU A 937 -15.62 1.06 -24.04
CA LEU A 937 -15.74 1.94 -22.83
C LEU A 937 -14.87 1.37 -21.70
N VAL A 938 -14.96 0.06 -21.45
CA VAL A 938 -14.12 -0.68 -20.45
C VAL A 938 -12.65 -0.64 -20.91
N HIS A 939 -12.41 -0.89 -22.21
CA HIS A 939 -11.06 -0.93 -22.84
C HIS A 939 -10.34 0.41 -22.65
N THR A 940 -11.02 1.54 -22.92
CA THR A 940 -10.43 2.90 -22.83
C THR A 940 -10.16 3.28 -21.37
N LEU A 941 -11.10 2.98 -20.46
CA LEU A 941 -11.01 3.36 -19.02
C LEU A 941 -9.78 2.69 -18.36
N ILE A 942 -9.41 1.48 -18.81
CA ILE A 942 -8.17 0.79 -18.35
C ILE A 942 -6.95 1.48 -18.99
N THR A 943 -7.08 1.94 -20.24
CA THR A 943 -6.01 2.68 -20.96
C THR A 943 -5.74 4.02 -20.28
N VAL A 944 -6.77 4.64 -19.67
CA VAL A 944 -6.62 5.90 -18.87
C VAL A 944 -5.71 5.62 -17.67
N SER A 945 -5.98 4.53 -16.94
CA SER A 945 -5.26 4.13 -15.70
C SER A 945 -3.79 3.77 -15.99
N LYS A 946 -3.49 3.25 -17.19
CA LYS A 946 -2.11 2.96 -17.64
C LYS A 946 -1.36 4.28 -17.86
N ILE A 947 -2.02 5.25 -18.50
CA ILE A 947 -1.43 6.58 -18.82
C ILE A 947 -1.22 7.37 -17.52
N LEU A 948 -2.21 7.34 -16.62
CA LEU A 948 -2.12 8.05 -15.31
C LEU A 948 -0.94 7.50 -14.49
N HIS A 949 -0.78 6.17 -14.44
CA HIS A 949 0.33 5.52 -13.68
C HIS A 949 1.69 5.92 -14.26
N HIS A 950 1.83 5.95 -15.58
CA HIS A 950 3.09 6.35 -16.27
C HIS A 950 3.48 7.77 -15.86
N LYS A 951 2.54 8.72 -15.96
CA LYS A 951 2.76 10.16 -15.62
C LYS A 951 3.13 10.30 -14.14
N MET A 952 2.49 9.53 -13.27
CA MET A 952 2.66 9.58 -11.78
C MET A 952 4.09 9.14 -11.39
N LEU A 953 4.52 7.97 -11.87
CA LEU A 953 5.86 7.38 -11.59
C LEU A 953 6.93 8.29 -12.19
N HIS A 954 6.69 8.81 -13.39
CA HIS A 954 7.57 9.78 -14.10
C HIS A 954 7.78 11.05 -13.26
N SER A 955 6.68 11.63 -12.75
CA SER A 955 6.69 12.90 -11.99
C SER A 955 7.38 12.72 -10.63
N VAL A 956 7.15 11.60 -9.95
CA VAL A 956 7.75 11.28 -8.62
C VAL A 956 9.27 11.18 -8.77
N LEU A 957 9.77 10.64 -9.88
CA LEU A 957 11.22 10.39 -10.08
C LEU A 957 11.97 11.72 -10.24
N GLN A 958 11.45 12.65 -11.05
CA GLN A 958 12.18 13.89 -11.44
C GLN A 958 11.74 15.09 -10.57
N ALA A 959 10.99 14.87 -9.49
CA ALA A 959 10.61 15.91 -8.51
C ALA A 959 11.81 16.21 -7.62
N PRO A 960 11.92 17.43 -7.02
CA PRO A 960 13.07 17.79 -6.19
C PRO A 960 13.11 17.05 -4.84
N MET A 961 14.29 17.07 -4.21
CA MET A 961 14.65 16.21 -3.05
C MET A 961 13.81 16.61 -1.82
N SER A 962 13.62 17.91 -1.59
CA SER A 962 12.82 18.48 -0.46
C SER A 962 11.40 17.89 -0.44
N THR A 963 10.75 17.77 -1.61
CA THR A 963 9.35 17.29 -1.75
C THR A 963 9.27 15.78 -1.47
N LEU A 964 10.38 15.04 -1.65
CA LEU A 964 10.43 13.57 -1.46
C LEU A 964 10.80 13.21 -0.01
N ASN A 965 11.59 14.06 0.67
CA ASN A 965 11.90 13.89 2.11
C ASN A 965 10.66 14.23 2.95
N THR A 966 9.80 15.13 2.46
CA THR A 966 8.56 15.60 3.15
C THR A 966 7.60 14.42 3.38
N LEU A 967 7.52 13.47 2.45
CA LEU A 967 6.52 12.36 2.46
C LEU A 967 7.16 11.07 2.99
N LYS A 968 6.32 10.14 3.47
CA LYS A 968 6.73 8.89 4.15
C LYS A 968 6.87 7.76 3.12
N ALA A 969 7.34 6.59 3.55
CA ALA A 969 7.49 5.38 2.71
C ALA A 969 6.10 4.78 2.43
N GLY A 970 5.30 4.61 3.49
CA GLY A 970 3.94 4.04 3.42
C GLY A 970 2.98 4.90 2.61
N GLY A 971 3.18 6.23 2.58
CA GLY A 971 2.39 7.17 1.76
C GLY A 971 2.60 6.94 0.28
N ILE A 972 3.86 6.75 -0.14
CA ILE A 972 4.26 6.42 -1.53
C ILE A 972 3.69 5.05 -1.89
N LEU A 973 3.97 4.05 -1.05
CA LEU A 973 3.60 2.62 -1.24
C LEU A 973 2.07 2.47 -1.25
N ASN A 974 1.34 3.29 -0.49
CA ASN A 974 -0.15 3.26 -0.39
C ASN A 974 -0.77 3.55 -1.75
N ARG A 975 -0.28 4.56 -2.46
CA ARG A 975 -0.88 5.03 -3.74
C ARG A 975 -0.64 4.01 -4.85
N PHE A 976 0.62 3.66 -5.10
CA PHE A 976 1.05 2.71 -6.15
C PHE A 976 0.43 1.33 -5.91
N SER A 977 0.15 0.96 -4.65
CA SER A 977 -0.54 -0.32 -4.30
C SER A 977 -2.04 -0.17 -4.48
N LYS A 978 -2.68 0.68 -3.66
CA LYS A 978 -4.16 0.71 -3.50
C LYS A 978 -4.78 1.63 -4.56
N ASP A 979 -4.28 2.86 -4.70
CA ASP A 979 -4.95 3.93 -5.50
C ASP A 979 -4.87 3.60 -7.00
N ILE A 980 -3.76 3.01 -7.48
CA ILE A 980 -3.61 2.61 -8.91
C ILE A 980 -4.39 1.31 -9.17
N ALA A 981 -4.56 0.44 -8.17
CA ALA A 981 -5.34 -0.83 -8.29
C ALA A 981 -6.85 -0.53 -8.34
N ILE A 982 -7.31 0.60 -7.79
CA ILE A 982 -8.75 1.02 -7.86
C ILE A 982 -9.07 1.50 -9.28
N LEU A 983 -8.14 2.21 -9.96
CA LEU A 983 -8.34 2.73 -11.34
C LEU A 983 -8.35 1.57 -12.35
N ASP A 984 -7.71 0.43 -12.02
CA ASP A 984 -7.61 -0.77 -12.89
C ASP A 984 -8.83 -1.66 -12.71
N ASP A 985 -9.24 -1.91 -11.46
CA ASP A 985 -10.23 -2.95 -11.10
C ASP A 985 -11.63 -2.35 -11.02
N LEU A 986 -11.92 -1.58 -9.96
CA LEU A 986 -13.30 -1.22 -9.55
C LEU A 986 -13.83 -0.07 -10.41
N LEU A 987 -13.02 0.97 -10.63
CA LEU A 987 -13.46 2.27 -11.19
C LEU A 987 -13.97 2.14 -12.63
N PRO A 988 -13.32 1.36 -13.54
CA PRO A 988 -13.86 1.15 -14.90
C PRO A 988 -15.28 0.57 -14.99
N LEU A 989 -15.62 -0.41 -14.16
CA LEU A 989 -16.97 -1.02 -14.14
C LEU A 989 -17.96 -0.18 -13.31
N THR A 990 -17.48 0.58 -12.32
CA THR A 990 -18.34 1.44 -11.46
C THR A 990 -18.96 2.55 -12.32
N ILE A 991 -18.22 3.08 -13.31
CA ILE A 991 -18.70 4.14 -14.24
C ILE A 991 -19.69 3.54 -15.24
N PHE A 992 -19.47 2.29 -15.64
CA PHE A 992 -20.33 1.57 -16.63
C PHE A 992 -21.78 1.53 -16.11
N ASP A 993 -21.98 1.01 -14.90
CA ASP A 993 -23.32 0.88 -14.26
C ASP A 993 -23.95 2.26 -14.08
N PHE A 994 -23.17 3.25 -13.65
CA PHE A 994 -23.63 4.65 -13.44
C PHE A 994 -24.14 5.23 -14.75
N ILE A 995 -23.41 5.06 -15.85
CA ILE A 995 -23.79 5.55 -17.21
C ILE A 995 -25.02 4.76 -17.71
N GLN A 996 -25.00 3.44 -17.57
CA GLN A 996 -26.10 2.54 -18.02
C GLN A 996 -27.40 2.97 -17.34
N LEU A 997 -27.41 3.03 -16.00
CA LEU A 997 -28.63 3.40 -15.21
C LEU A 997 -29.05 4.83 -15.53
N LEU A 998 -28.09 5.74 -15.66
CA LEU A 998 -28.36 7.18 -15.97
C LEU A 998 -29.02 7.29 -17.35
N LEU A 999 -28.54 6.55 -18.36
CA LEU A 999 -29.10 6.56 -19.73
C LEU A 999 -30.53 5.98 -19.72
N ILE A 1000 -30.76 4.90 -18.97
CA ILE A 1000 -32.08 4.21 -18.87
C ILE A 1000 -33.13 5.20 -18.35
N VAL A 1001 -32.82 5.92 -17.27
CA VAL A 1001 -33.75 6.88 -16.61
C VAL A 1001 -34.02 8.06 -17.55
N ILE A 1002 -32.96 8.69 -18.07
CA ILE A 1002 -33.03 9.84 -19.01
C ILE A 1002 -33.90 9.42 -20.20
N GLY A 1003 -33.55 8.30 -20.86
CA GLY A 1003 -34.28 7.79 -22.04
C GLY A 1003 -35.71 7.40 -21.72
N ALA A 1004 -35.95 6.82 -20.53
CA ALA A 1004 -37.31 6.45 -20.06
C ALA A 1004 -38.16 7.72 -19.89
N ILE A 1005 -37.64 8.70 -19.14
CA ILE A 1005 -38.33 10.01 -18.91
C ILE A 1005 -38.53 10.72 -20.26
N ALA A 1006 -37.56 10.65 -21.17
CA ALA A 1006 -37.56 11.36 -22.48
C ALA A 1006 -38.74 10.90 -23.33
N VAL A 1007 -38.89 9.59 -23.52
CA VAL A 1007 -39.94 8.98 -24.40
C VAL A 1007 -41.32 9.18 -23.75
N VAL A 1008 -41.41 8.97 -22.44
CA VAL A 1008 -42.68 9.12 -21.66
C VAL A 1008 -43.10 10.60 -21.70
N ALA A 1009 -42.17 11.53 -21.51
CA ALA A 1009 -42.44 12.99 -21.43
C ALA A 1009 -42.92 13.53 -22.78
N VAL A 1010 -42.18 13.23 -23.86
CA VAL A 1010 -42.47 13.73 -25.24
C VAL A 1010 -43.85 13.22 -25.67
N LEU A 1011 -44.22 12.00 -25.28
CA LEU A 1011 -45.49 11.34 -25.69
C LEU A 1011 -46.63 11.80 -24.77
N GLN A 1012 -46.38 11.91 -23.46
CA GLN A 1012 -47.38 12.38 -22.45
C GLN A 1012 -46.73 13.42 -21.54
N PRO A 1013 -47.18 14.70 -21.59
CA PRO A 1013 -46.40 15.80 -21.03
C PRO A 1013 -46.30 15.86 -19.49
N TYR A 1014 -47.37 15.51 -18.78
CA TYR A 1014 -47.54 15.83 -17.33
C TYR A 1014 -46.63 14.95 -16.46
N ILE A 1015 -46.18 13.80 -16.97
CA ILE A 1015 -45.33 12.84 -16.20
C ILE A 1015 -43.96 13.48 -15.92
N PHE A 1016 -43.42 14.27 -16.86
CA PHE A 1016 -42.18 15.08 -16.67
C PHE A 1016 -42.39 16.05 -15.50
N VAL A 1017 -43.56 16.69 -15.44
CA VAL A 1017 -43.92 17.67 -14.37
C VAL A 1017 -44.11 16.90 -13.05
N ALA A 1018 -44.63 15.67 -13.13
CA ALA A 1018 -44.86 14.78 -11.96
C ALA A 1018 -43.52 14.28 -11.38
N THR A 1019 -42.53 13.99 -12.24
CA THR A 1019 -41.20 13.49 -11.80
C THR A 1019 -40.39 14.60 -11.10
N VAL A 1020 -40.51 15.86 -11.54
CA VAL A 1020 -39.60 17.01 -11.16
C VAL A 1020 -39.49 17.17 -9.65
N PRO A 1021 -40.59 17.15 -8.84
CA PRO A 1021 -40.45 17.28 -7.38
C PRO A 1021 -39.65 16.17 -6.68
N VAL A 1022 -39.67 14.94 -7.22
CA VAL A 1022 -38.92 13.78 -6.67
C VAL A 1022 -37.46 13.87 -7.15
N ILE A 1023 -37.25 14.30 -8.40
CA ILE A 1023 -35.90 14.52 -9.01
C ILE A 1023 -35.11 15.49 -8.12
N VAL A 1024 -35.69 16.65 -7.82
CA VAL A 1024 -35.02 17.76 -7.06
C VAL A 1024 -34.68 17.28 -5.64
N ALA A 1025 -35.53 16.43 -5.05
CA ALA A 1025 -35.37 15.87 -3.68
C ALA A 1025 -34.09 15.03 -3.62
N PHE A 1026 -33.84 14.18 -4.62
CA PHE A 1026 -32.65 13.29 -4.68
C PHE A 1026 -31.38 14.12 -4.87
N ILE A 1027 -31.41 15.09 -5.80
CA ILE A 1027 -30.24 15.97 -6.11
C ILE A 1027 -29.96 16.86 -4.89
N MET A 1028 -31.02 17.37 -4.24
CA MET A 1028 -30.93 18.19 -3.00
C MET A 1028 -30.12 17.42 -1.94
N LEU A 1029 -30.57 16.21 -1.60
CA LEU A 1029 -30.00 15.36 -0.51
C LEU A 1029 -28.59 14.89 -0.89
N ARG A 1030 -28.34 14.63 -2.19
CA ARG A 1030 -27.03 14.16 -2.72
C ARG A 1030 -25.96 15.23 -2.50
N ALA A 1031 -26.24 16.46 -2.93
CA ALA A 1031 -25.34 17.64 -2.80
C ALA A 1031 -25.02 17.90 -1.32
N TYR A 1032 -26.00 17.71 -0.44
CA TYR A 1032 -25.89 17.91 1.03
C TYR A 1032 -24.92 16.88 1.61
N PHE A 1033 -25.04 15.61 1.18
CA PHE A 1033 -24.29 14.46 1.74
C PHE A 1033 -22.81 14.53 1.33
N LEU A 1034 -22.53 14.87 0.07
CA LEU A 1034 -21.17 14.76 -0.53
C LEU A 1034 -20.19 15.73 0.15
N GLN A 1035 -20.68 16.83 0.73
CA GLN A 1035 -19.82 17.81 1.47
C GLN A 1035 -19.08 17.12 2.62
N THR A 1036 -19.77 16.29 3.39
CA THR A 1036 -19.19 15.50 4.51
C THR A 1036 -18.46 14.26 3.98
N SER A 1037 -19.05 13.58 3.00
CA SER A 1037 -18.61 12.26 2.49
C SER A 1037 -17.21 12.37 1.84
N GLN A 1038 -17.00 13.39 1.02
CA GLN A 1038 -15.71 13.64 0.31
C GLN A 1038 -14.61 13.92 1.33
N GLN A 1039 -14.93 14.56 2.46
CA GLN A 1039 -13.95 14.93 3.51
C GLN A 1039 -13.63 13.71 4.39
N LEU A 1040 -14.60 12.83 4.64
CA LEU A 1040 -14.38 11.57 5.42
C LEU A 1040 -13.56 10.58 4.59
N LYS A 1041 -13.80 10.52 3.28
CA LYS A 1041 -13.16 9.56 2.34
C LYS A 1041 -11.68 9.91 2.14
N GLN A 1042 -11.24 11.14 2.46
CA GLN A 1042 -9.82 11.58 2.35
C GLN A 1042 -9.07 11.33 3.65
N LEU A 1043 -9.70 11.59 4.80
CA LEU A 1043 -9.15 11.29 6.15
C LEU A 1043 -8.99 9.77 6.27
N GLU A 1044 -9.94 9.00 5.74
CA GLU A 1044 -9.92 7.52 5.79
C GLU A 1044 -8.87 6.98 4.81
N SER A 1045 -8.85 7.48 3.58
CA SER A 1045 -7.91 7.06 2.50
C SER A 1045 -6.46 7.36 2.91
N GLU A 1046 -6.19 8.55 3.46
CA GLU A 1046 -4.84 8.94 3.93
C GLU A 1046 -4.56 8.32 5.30
N GLY A 1047 -5.61 7.85 6.00
CA GLY A 1047 -5.50 7.10 7.28
C GLY A 1047 -4.86 5.72 7.10
N ARG A 1048 -4.75 5.21 5.87
CA ARG A 1048 -4.10 3.90 5.55
C ARG A 1048 -2.57 3.98 5.71
N SER A 1049 -1.96 5.16 5.50
CA SER A 1049 -0.48 5.35 5.43
C SER A 1049 0.20 4.92 6.74
N PRO A 1050 -0.30 5.31 7.93
CA PRO A 1050 0.18 4.74 9.20
C PRO A 1050 0.38 3.21 9.23
N ILE A 1051 -0.55 2.43 8.66
CA ILE A 1051 -0.53 0.94 8.72
C ILE A 1051 0.65 0.42 7.89
N PHE A 1052 0.83 0.94 6.67
CA PHE A 1052 1.89 0.50 5.73
C PHE A 1052 3.26 0.97 6.25
N THR A 1053 3.43 2.27 6.55
CA THR A 1053 4.68 2.88 7.07
C THR A 1053 5.25 2.05 8.23
N HIS A 1054 4.37 1.62 9.15
CA HIS A 1054 4.72 0.81 10.34
C HIS A 1054 5.13 -0.60 9.91
N LEU A 1055 4.47 -1.17 8.90
CA LEU A 1055 4.70 -2.56 8.42
C LEU A 1055 6.05 -2.66 7.70
N VAL A 1056 6.54 -1.56 7.10
CA VAL A 1056 7.87 -1.50 6.42
C VAL A 1056 8.98 -1.64 7.45
N THR A 1057 9.05 -0.70 8.42
CA THR A 1057 10.14 -0.58 9.43
C THR A 1057 10.16 -1.83 10.32
N SER A 1058 8.97 -2.38 10.63
CA SER A 1058 8.81 -3.62 11.42
C SER A 1058 9.58 -4.75 10.74
N LEU A 1059 9.37 -4.93 9.43
CA LEU A 1059 9.99 -6.01 8.62
C LEU A 1059 11.45 -5.67 8.31
N LYS A 1060 11.78 -4.38 8.16
CA LYS A 1060 13.13 -3.93 7.73
C LYS A 1060 14.14 -4.19 8.86
N GLY A 1061 13.82 -3.77 10.08
CA GLY A 1061 14.68 -3.92 11.27
C GLY A 1061 14.16 -4.97 12.21
N LEU A 1062 13.88 -6.18 11.70
CA LEU A 1062 13.25 -7.29 12.45
C LEU A 1062 14.25 -7.90 13.43
N TRP A 1063 15.52 -8.03 13.04
CA TRP A 1063 16.59 -8.68 13.85
C TRP A 1063 16.83 -7.92 15.16
N THR A 1064 16.75 -6.58 15.14
CA THR A 1064 16.95 -5.73 16.34
C THR A 1064 15.76 -5.85 17.30
N LEU A 1065 14.54 -6.05 16.78
CA LEU A 1065 13.29 -6.15 17.60
C LEU A 1065 13.36 -7.39 18.51
N ARG A 1066 13.77 -8.54 17.93
CA ARG A 1066 13.88 -9.84 18.64
C ARG A 1066 15.17 -9.88 19.48
N ALA A 1067 16.19 -9.11 19.11
CA ALA A 1067 17.44 -8.97 19.89
C ALA A 1067 17.11 -8.31 21.24
N PHE A 1068 16.49 -7.12 21.20
CA PHE A 1068 16.08 -6.36 22.41
C PHE A 1068 14.85 -7.00 23.05
N GLY A 1069 14.02 -7.69 22.27
CA GLY A 1069 12.75 -8.29 22.74
C GLY A 1069 11.69 -7.23 22.95
N ARG A 1070 11.34 -6.50 21.87
CA ARG A 1070 10.39 -5.36 21.93
C ARG A 1070 9.19 -5.61 21.01
N GLN A 1071 8.61 -6.82 21.06
CA GLN A 1071 7.38 -7.15 20.28
C GLN A 1071 6.15 -6.55 20.96
N PRO A 1072 5.99 -6.65 22.31
CA PRO A 1072 4.84 -6.04 22.99
C PRO A 1072 4.67 -4.53 22.74
N TYR A 1073 5.79 -3.82 22.57
CA TYR A 1073 5.83 -2.37 22.22
C TYR A 1073 5.26 -2.17 20.81
N PHE A 1074 5.83 -2.88 19.83
CA PHE A 1074 5.48 -2.72 18.39
C PHE A 1074 4.07 -3.23 18.09
N GLU A 1075 3.57 -4.25 18.81
CA GLU A 1075 2.17 -4.75 18.61
C GLU A 1075 1.18 -3.66 19.04
N THR A 1076 1.37 -3.12 20.24
CA THR A 1076 0.53 -2.03 20.82
C THR A 1076 0.70 -0.76 19.97
N LEU A 1077 1.91 -0.53 19.45
CA LEU A 1077 2.18 0.64 18.55
C LEU A 1077 1.49 0.41 17.19
N PHE A 1078 1.39 -0.83 16.73
CA PHE A 1078 0.69 -1.20 15.47
C PHE A 1078 -0.83 -1.11 15.67
N HIS A 1079 -1.34 -1.48 16.85
CA HIS A 1079 -2.80 -1.42 17.16
C HIS A 1079 -3.33 0.02 17.01
N LYS A 1080 -2.53 1.02 17.36
CA LYS A 1080 -2.89 2.45 17.26
C LYS A 1080 -3.18 2.83 15.80
N ALA A 1081 -2.41 2.29 14.84
CA ALA A 1081 -2.59 2.53 13.39
C ALA A 1081 -3.94 1.99 12.92
N LEU A 1082 -4.31 0.77 13.35
CA LEU A 1082 -5.60 0.11 13.02
C LEU A 1082 -6.76 0.92 13.63
N ASN A 1083 -6.62 1.32 14.89
CA ASN A 1083 -7.65 2.11 15.64
C ASN A 1083 -7.91 3.42 14.90
N LEU A 1084 -6.83 4.09 14.44
CA LEU A 1084 -6.88 5.37 13.69
C LEU A 1084 -7.67 5.18 12.39
N HIS A 1085 -7.35 4.13 11.62
CA HIS A 1085 -8.05 3.78 10.35
C HIS A 1085 -9.52 3.44 10.63
N THR A 1086 -9.78 2.60 11.63
CA THR A 1086 -11.15 2.19 12.06
C THR A 1086 -11.97 3.44 12.44
N ALA A 1087 -11.39 4.35 13.24
CA ALA A 1087 -12.04 5.60 13.71
C ALA A 1087 -12.62 6.37 12.53
N ASN A 1088 -11.85 6.53 11.45
CA ASN A 1088 -12.24 7.28 10.24
C ASN A 1088 -13.16 6.41 9.35
N TRP A 1089 -12.83 5.14 9.14
CA TRP A 1089 -13.57 4.24 8.22
C TRP A 1089 -14.98 3.97 8.75
N PHE A 1090 -15.12 3.65 10.04
CA PHE A 1090 -16.41 3.39 10.73
C PHE A 1090 -17.34 4.59 10.57
N LEU A 1091 -16.77 5.80 10.69
CA LEU A 1091 -17.51 7.09 10.62
C LEU A 1091 -18.07 7.28 9.21
N TYR A 1092 -17.24 7.11 8.18
CA TYR A 1092 -17.61 7.20 6.74
C TYR A 1092 -18.71 6.19 6.40
N LEU A 1093 -18.53 4.95 6.85
CA LEU A 1093 -19.40 3.78 6.55
C LEU A 1093 -20.81 4.02 7.13
N SER A 1094 -20.89 4.56 8.35
CA SER A 1094 -22.15 4.83 9.08
C SER A 1094 -22.89 6.02 8.46
N THR A 1095 -22.16 7.02 7.94
CA THR A 1095 -22.74 8.22 7.27
C THR A 1095 -23.43 7.80 5.97
N LEU A 1096 -23.00 6.71 5.33
CA LEU A 1096 -23.50 6.27 4.01
C LEU A 1096 -24.92 5.70 4.12
N ARG A 1097 -25.19 4.84 5.11
CA ARG A 1097 -26.51 4.19 5.34
C ARG A 1097 -27.57 5.21 5.74
N TRP A 1098 -27.16 6.25 6.47
CA TRP A 1098 -28.00 7.46 6.70
C TRP A 1098 -28.53 7.90 5.33
N PHE A 1099 -27.62 8.18 4.40
CA PHE A 1099 -27.95 8.60 3.01
C PHE A 1099 -28.80 7.53 2.33
N GLN A 1100 -28.43 6.25 2.50
CA GLN A 1100 -29.12 5.10 1.85
C GLN A 1100 -30.55 4.97 2.39
N MET A 1101 -30.75 5.26 3.68
CA MET A 1101 -32.06 5.15 4.37
C MET A 1101 -32.92 6.36 4.01
N ARG A 1102 -32.33 7.56 4.07
CA ARG A 1102 -33.05 8.85 3.84
C ARG A 1102 -33.63 8.88 2.42
N ILE A 1103 -32.86 8.48 1.40
CA ILE A 1103 -33.27 8.50 -0.04
C ILE A 1103 -34.40 7.49 -0.26
N GLU A 1104 -34.41 6.36 0.46
CA GLU A 1104 -35.53 5.38 0.41
C GLU A 1104 -36.74 5.98 1.14
N MET A 1105 -36.53 6.60 2.31
CA MET A 1105 -37.61 7.29 3.08
C MET A 1105 -38.26 8.38 2.22
N ILE A 1106 -37.47 9.18 1.50
CA ILE A 1106 -37.98 10.25 0.57
C ILE A 1106 -38.89 9.58 -0.46
N PHE A 1107 -38.40 8.50 -1.10
CA PHE A 1107 -39.15 7.73 -2.13
C PHE A 1107 -40.45 7.17 -1.52
N VAL A 1108 -40.39 6.67 -0.28
CA VAL A 1108 -41.56 6.08 0.43
C VAL A 1108 -42.59 7.18 0.72
N ILE A 1109 -42.12 8.33 1.24
CA ILE A 1109 -43.00 9.46 1.65
C ILE A 1109 -43.79 9.94 0.42
N PHE A 1110 -43.12 10.07 -0.74
CA PHE A 1110 -43.75 10.49 -2.02
C PHE A 1110 -44.70 9.40 -2.53
N PHE A 1111 -44.31 8.13 -2.43
CA PHE A 1111 -45.09 6.97 -2.95
C PHE A 1111 -46.38 6.81 -2.14
N ILE A 1112 -46.29 6.97 -0.81
CA ILE A 1112 -47.46 6.99 0.11
C ILE A 1112 -48.43 8.09 -0.34
N ALA A 1113 -47.91 9.31 -0.55
CA ALA A 1113 -48.69 10.50 -0.99
C ALA A 1113 -49.33 10.23 -2.35
N VAL A 1114 -48.59 9.63 -3.29
CA VAL A 1114 -49.07 9.31 -4.66
C VAL A 1114 -50.23 8.29 -4.57
N THR A 1115 -50.11 7.26 -3.72
CA THR A 1115 -51.03 6.09 -3.71
C THR A 1115 -52.44 6.50 -3.26
N PHE A 1116 -52.55 7.29 -2.17
CA PHE A 1116 -53.85 7.77 -1.63
C PHE A 1116 -54.43 8.86 -2.53
N ILE A 1117 -53.60 9.77 -3.03
CA ILE A 1117 -54.03 10.77 -4.05
C ILE A 1117 -54.61 10.01 -5.25
N SER A 1118 -53.95 8.91 -5.68
CA SER A 1118 -54.41 8.05 -6.79
C SER A 1118 -55.73 7.37 -6.44
N ILE A 1119 -55.78 6.67 -5.30
CA ILE A 1119 -56.92 5.79 -4.93
C ILE A 1119 -58.13 6.65 -4.55
N LEU A 1120 -57.94 7.72 -3.79
CA LEU A 1120 -59.05 8.57 -3.24
C LEU A 1120 -59.70 9.37 -4.38
N THR A 1121 -58.89 9.92 -5.30
CA THR A 1121 -59.36 10.80 -6.40
C THR A 1121 -59.75 9.97 -7.63
N THR A 1122 -59.77 8.64 -7.54
CA THR A 1122 -60.29 7.72 -8.59
C THR A 1122 -61.77 8.05 -8.82
N GLY A 1123 -62.16 8.31 -10.07
CA GLY A 1123 -63.56 8.63 -10.44
C GLY A 1123 -64.44 7.40 -10.39
N GLU A 1124 -65.75 7.58 -10.62
CA GLU A 1124 -66.71 6.46 -10.83
C GLU A 1124 -66.27 5.64 -12.05
N GLY A 1125 -65.67 6.30 -13.06
CA GLY A 1125 -65.10 5.65 -14.26
C GLY A 1125 -63.80 6.30 -14.70
N GLU A 1126 -62.71 5.51 -14.81
CA GLU A 1126 -61.44 5.88 -15.47
C GLU A 1126 -60.72 6.99 -14.67
N GLY A 1127 -60.11 6.63 -13.53
CA GLY A 1127 -59.27 7.54 -12.72
C GLY A 1127 -57.93 7.77 -13.39
N ARG A 1128 -57.66 9.00 -13.85
CA ARG A 1128 -56.50 9.37 -14.69
C ARG A 1128 -55.36 9.92 -13.81
N VAL A 1129 -55.68 10.40 -12.61
CA VAL A 1129 -54.70 11.06 -11.70
C VAL A 1129 -53.62 10.05 -11.35
N GLY A 1130 -54.02 8.83 -10.97
CA GLY A 1130 -53.11 7.73 -10.57
C GLY A 1130 -52.33 7.18 -11.75
N ILE A 1131 -52.95 7.16 -12.94
CA ILE A 1131 -52.32 6.69 -14.21
C ILE A 1131 -51.06 7.51 -14.47
N ILE A 1132 -51.12 8.83 -14.26
CA ILE A 1132 -49.99 9.77 -14.51
C ILE A 1132 -48.94 9.58 -13.42
N LEU A 1133 -49.35 9.54 -12.15
CA LEU A 1133 -48.43 9.66 -10.98
C LEU A 1133 -47.60 8.39 -10.78
N THR A 1134 -48.22 7.21 -10.78
CA THR A 1134 -47.54 5.91 -10.46
C THR A 1134 -46.49 5.58 -11.53
N LEU A 1135 -46.72 6.00 -12.78
CA LEU A 1135 -45.78 5.80 -13.91
C LEU A 1135 -44.45 6.49 -13.58
N ALA A 1136 -44.51 7.75 -13.11
CA ALA A 1136 -43.35 8.52 -12.61
C ALA A 1136 -42.66 7.72 -11.49
N MET A 1137 -43.44 7.27 -10.50
CA MET A 1137 -42.92 6.59 -9.29
C MET A 1137 -42.34 5.21 -9.64
N ASN A 1138 -42.71 4.62 -10.79
CA ASN A 1138 -42.03 3.41 -11.33
C ASN A 1138 -40.64 3.79 -11.84
N ILE A 1139 -40.50 4.98 -12.46
CA ILE A 1139 -39.20 5.48 -12.99
C ILE A 1139 -38.26 5.81 -11.81
N MET A 1140 -38.78 6.37 -10.72
CA MET A 1140 -37.97 6.89 -9.59
C MET A 1140 -37.25 5.74 -8.87
N SER A 1141 -37.79 4.52 -8.96
CA SER A 1141 -37.16 3.29 -8.42
C SER A 1141 -35.82 3.04 -9.12
N THR A 1142 -35.79 3.15 -10.45
CA THR A 1142 -34.57 2.98 -11.29
C THR A 1142 -33.58 4.11 -10.96
N LEU A 1143 -34.07 5.34 -10.75
CA LEU A 1143 -33.23 6.52 -10.44
C LEU A 1143 -32.63 6.40 -9.04
N GLN A 1144 -33.41 5.89 -8.07
CA GLN A 1144 -32.93 5.62 -6.68
C GLN A 1144 -31.68 4.74 -6.74
N TRP A 1145 -31.71 3.69 -7.56
CA TRP A 1145 -30.58 2.75 -7.80
C TRP A 1145 -29.40 3.48 -8.47
N ALA A 1146 -29.69 4.41 -9.39
CA ALA A 1146 -28.67 5.22 -10.13
C ALA A 1146 -27.97 6.20 -9.17
N VAL A 1147 -28.70 6.84 -8.27
CA VAL A 1147 -28.14 7.80 -7.26
C VAL A 1147 -27.20 7.03 -6.31
N ASN A 1148 -27.56 5.80 -5.93
CA ASN A 1148 -26.71 4.94 -5.06
C ASN A 1148 -25.43 4.56 -5.80
N SER A 1149 -25.52 4.30 -7.11
CA SER A 1149 -24.36 4.02 -8.00
C SER A 1149 -23.50 5.28 -8.14
N SER A 1150 -24.13 6.46 -8.21
CA SER A 1150 -23.45 7.78 -8.31
C SER A 1150 -22.54 8.03 -7.09
N ILE A 1151 -22.98 7.64 -5.89
CA ILE A 1151 -22.20 7.81 -4.63
C ILE A 1151 -21.01 6.84 -4.63
N ASP A 1152 -21.15 5.65 -5.23
CA ASP A 1152 -20.06 4.65 -5.34
C ASP A 1152 -18.99 5.15 -6.33
N VAL A 1153 -19.38 5.89 -7.37
CA VAL A 1153 -18.44 6.48 -8.36
C VAL A 1153 -17.63 7.59 -7.68
N ASP A 1154 -18.28 8.50 -6.93
CA ASP A 1154 -17.61 9.66 -6.28
C ASP A 1154 -16.58 9.19 -5.23
N SER A 1155 -16.89 8.11 -4.50
CA SER A 1155 -16.00 7.50 -3.48
C SER A 1155 -14.75 6.93 -4.15
N LEU A 1156 -14.90 6.33 -5.33
CA LEU A 1156 -13.75 5.77 -6.10
C LEU A 1156 -13.03 6.88 -6.86
N MET A 1157 -13.71 7.99 -7.18
CA MET A 1157 -13.11 9.13 -7.92
C MET A 1157 -12.18 9.93 -6.99
N ARG A 1158 -12.32 9.75 -5.67
CA ARG A 1158 -11.37 10.32 -4.68
C ARG A 1158 -9.97 9.83 -5.02
N SER A 1159 -9.84 8.52 -5.30
CA SER A 1159 -8.56 7.85 -5.64
C SER A 1159 -7.89 8.61 -6.80
N VAL A 1160 -8.63 8.90 -7.88
CA VAL A 1160 -8.06 9.58 -9.09
C VAL A 1160 -7.62 11.00 -8.69
N SER A 1161 -8.35 11.67 -7.80
CA SER A 1161 -8.00 12.98 -7.20
C SER A 1161 -6.61 12.91 -6.56
N ARG A 1162 -6.34 11.86 -5.77
CA ARG A 1162 -5.10 11.70 -4.97
C ARG A 1162 -3.94 11.29 -5.89
N VAL A 1163 -4.23 10.67 -7.03
CA VAL A 1163 -3.21 10.34 -8.08
C VAL A 1163 -2.76 11.66 -8.74
N PHE A 1164 -3.70 12.54 -9.07
CA PHE A 1164 -3.43 13.82 -9.79
C PHE A 1164 -2.58 14.76 -8.94
N LYS A 1165 -2.66 14.68 -7.60
CA LYS A 1165 -1.81 15.50 -6.68
C LYS A 1165 -0.34 15.09 -6.81
N PHE A 1166 -0.04 13.85 -7.19
CA PHE A 1166 1.34 13.34 -7.40
C PHE A 1166 1.81 13.68 -8.81
N ILE A 1167 0.92 13.71 -9.80
CA ILE A 1167 1.24 14.13 -11.19
C ILE A 1167 1.57 15.64 -11.17
N ASP A 1168 0.84 16.42 -10.37
CA ASP A 1168 1.03 17.89 -10.21
C ASP A 1168 1.98 18.17 -9.04
N MET A 1169 3.23 17.69 -9.14
CA MET A 1169 4.33 18.04 -8.21
C MET A 1169 5.35 18.87 -8.99
N PRO A 1170 6.14 19.74 -8.33
CA PRO A 1170 7.13 20.56 -9.04
C PRO A 1170 8.30 19.73 -9.59
N THR A 1171 8.98 20.24 -10.62
CA THR A 1171 10.21 19.66 -11.22
C THR A 1171 11.44 20.33 -10.57
N GLU A 1172 12.54 19.57 -10.42
CA GLU A 1172 13.80 20.07 -9.81
C GLU A 1172 14.36 21.23 -10.65
N GLY A 1173 14.32 21.13 -11.99
CA GLY A 1173 14.65 22.22 -12.93
C GLY A 1173 14.04 23.55 -12.51
N ASP A 1202 32.66 19.51 -30.05
CA ASP A 1202 33.85 18.85 -29.46
C ASP A 1202 33.38 17.92 -28.32
N ILE A 1203 34.27 17.54 -27.39
CA ILE A 1203 33.92 16.67 -26.23
C ILE A 1203 34.05 17.51 -24.94
N TRP A 1204 33.02 17.46 -24.09
CA TRP A 1204 32.79 18.52 -23.08
C TRP A 1204 33.73 18.34 -21.88
N PRO A 1205 33.63 17.29 -21.04
CA PRO A 1205 34.51 17.19 -19.87
C PRO A 1205 35.91 16.66 -20.25
N SER A 1206 36.69 17.45 -21.00
CA SER A 1206 37.97 17.05 -21.64
C SER A 1206 39.06 16.82 -20.59
N GLY A 1207 39.32 17.82 -19.75
CA GLY A 1207 40.34 17.80 -18.69
C GLY A 1207 39.73 17.52 -17.33
N GLY A 1208 38.70 18.30 -16.96
CA GLY A 1208 37.90 18.13 -15.73
C GLY A 1208 38.37 19.01 -14.59
N GLN A 1209 38.80 20.25 -14.88
CA GLN A 1209 39.18 21.24 -13.84
C GLN A 1209 37.89 21.95 -13.37
N MET A 1210 37.69 22.00 -12.06
CA MET A 1210 36.52 22.65 -11.41
C MET A 1210 36.93 24.02 -10.85
N THR A 1211 36.02 24.99 -10.89
CA THR A 1211 36.15 26.31 -10.22
C THR A 1211 34.82 26.61 -9.50
N VAL A 1212 34.84 26.51 -8.17
CA VAL A 1212 33.71 26.84 -7.25
C VAL A 1212 33.89 28.31 -6.81
N LYS A 1213 32.79 29.07 -6.77
CA LYS A 1213 32.79 30.49 -6.33
C LYS A 1213 31.46 30.83 -5.64
N ASP A 1214 31.54 31.30 -4.38
CA ASP A 1214 30.41 31.85 -3.59
C ASP A 1214 29.33 30.77 -3.41
N LEU A 1215 29.72 29.53 -3.13
CA LEU A 1215 28.80 28.39 -3.00
C LEU A 1215 28.19 28.37 -1.60
N THR A 1216 26.90 28.00 -1.52
CA THR A 1216 26.11 27.83 -0.28
C THR A 1216 25.23 26.58 -0.43
N ALA A 1217 25.10 25.79 0.65
CA ALA A 1217 24.37 24.50 0.67
C ALA A 1217 23.41 24.44 1.86
N LYS A 1218 22.13 24.22 1.59
CA LYS A 1218 21.08 23.98 2.62
C LYS A 1218 20.02 23.04 2.04
N TYR A 1219 19.42 22.20 2.89
CA TYR A 1219 18.44 21.15 2.48
C TYR A 1219 17.05 21.80 2.33
N THR A 1220 16.51 22.36 3.41
CA THR A 1220 15.20 23.06 3.42
C THR A 1220 15.37 24.47 2.83
N GLU A 1221 14.29 24.99 2.22
CA GLU A 1221 14.23 26.36 1.64
C GLU A 1221 14.22 27.38 2.79
N GLY A 1222 15.22 28.26 2.84
CA GLY A 1222 15.36 29.34 3.84
C GLY A 1222 15.62 28.81 5.25
N GLY A 1223 16.26 27.64 5.37
CA GLY A 1223 16.66 27.03 6.66
C GLY A 1223 18.09 27.41 7.03
N ASN A 1224 18.77 26.56 7.78
CA ASN A 1224 20.18 26.77 8.23
C ASN A 1224 21.14 26.37 7.11
N ALA A 1225 22.16 27.20 6.86
CA ALA A 1225 23.22 26.97 5.85
C ALA A 1225 24.24 25.97 6.41
N ILE A 1226 24.38 24.82 5.75
CA ILE A 1226 25.35 23.75 6.14
C ILE A 1226 26.75 24.20 5.71
N LEU A 1227 26.89 24.69 4.48
CA LEU A 1227 28.14 25.29 3.95
C LEU A 1227 27.86 26.74 3.52
N GLU A 1228 28.83 27.65 3.71
CA GLU A 1228 28.66 29.12 3.56
C GLU A 1228 29.87 29.74 2.86
N ASN A 1229 29.66 30.36 1.69
CA ASN A 1229 30.67 31.14 0.93
C ASN A 1229 31.86 30.25 0.57
N ILE A 1230 31.59 29.03 0.09
CA ILE A 1230 32.64 28.04 -0.29
C ILE A 1230 33.18 28.43 -1.67
N SER A 1231 34.50 28.41 -1.83
CA SER A 1231 35.22 28.66 -3.11
C SER A 1231 36.59 28.00 -3.07
N PHE A 1232 36.96 27.29 -4.14
CA PHE A 1232 38.27 26.59 -4.31
C PHE A 1232 38.42 26.15 -5.77
N SER A 1233 39.60 25.62 -6.11
CA SER A 1233 39.96 25.25 -7.51
C SER A 1233 40.79 23.96 -7.51
N ILE A 1234 40.48 23.08 -8.47
CA ILE A 1234 41.23 21.82 -8.77
C ILE A 1234 41.79 21.94 -10.19
N SER A 1235 43.08 21.70 -10.39
CA SER A 1235 43.75 21.65 -11.71
C SER A 1235 43.44 20.30 -12.36
N PRO A 1236 43.60 20.14 -13.71
CA PRO A 1236 43.16 18.92 -14.39
C PRO A 1236 44.01 17.69 -14.07
N GLY A 1237 43.38 16.51 -14.12
CA GLY A 1237 43.92 15.19 -13.70
C GLY A 1237 44.69 15.23 -12.39
N GLN A 1238 44.08 15.76 -11.31
CA GLN A 1238 44.66 15.78 -9.95
C GLN A 1238 43.72 15.05 -8.98
N ARG A 1239 44.26 14.13 -8.18
CA ARG A 1239 43.52 13.43 -7.09
C ARG A 1239 43.47 14.36 -5.87
N VAL A 1240 42.26 14.59 -5.34
CA VAL A 1240 41.98 15.52 -4.21
C VAL A 1240 41.38 14.73 -3.05
N GLY A 1241 41.97 14.85 -1.86
CA GLY A 1241 41.43 14.30 -0.61
C GLY A 1241 40.40 15.25 0.00
N LEU A 1242 39.31 14.71 0.54
CA LEU A 1242 38.29 15.46 1.31
C LEU A 1242 38.12 14.79 2.67
N LEU A 1243 38.09 15.57 3.75
CA LEU A 1243 38.02 15.01 5.13
C LEU A 1243 37.48 16.04 6.12
N GLY A 1244 37.19 15.56 7.34
CA GLY A 1244 36.60 16.34 8.45
C GLY A 1244 35.94 15.43 9.46
N ARG A 1245 35.42 16.01 10.54
CA ARG A 1245 34.74 15.26 11.64
C ARG A 1245 33.38 14.77 11.12
N THR A 1246 32.93 13.62 11.63
CA THR A 1246 31.59 13.04 11.31
C THR A 1246 30.51 14.11 11.50
N GLY A 1247 29.62 14.25 10.52
CA GLY A 1247 28.59 15.32 10.48
C GLY A 1247 29.16 16.68 10.11
N SER A 1248 30.36 16.73 9.51
CA SER A 1248 31.00 17.99 9.02
C SER A 1248 30.22 18.56 7.82
N GLY A 1249 29.70 17.69 6.95
CA GLY A 1249 28.98 18.08 5.72
C GLY A 1249 29.62 17.54 4.44
N LYS A 1250 30.54 16.58 4.53
CA LYS A 1250 31.35 16.07 3.38
C LYS A 1250 30.42 15.61 2.26
N SER A 1251 29.39 14.81 2.59
CA SER A 1251 28.33 14.35 1.63
C SER A 1251 27.66 15.57 0.99
N THR A 1252 27.31 16.58 1.81
CA THR A 1252 26.62 17.83 1.36
C THR A 1252 27.46 18.49 0.26
N LEU A 1253 28.78 18.50 0.42
CA LEU A 1253 29.74 19.05 -0.59
C LEU A 1253 29.68 18.21 -1.86
N LEU A 1254 29.58 16.88 -1.73
CA LEU A 1254 29.48 15.96 -2.90
C LEU A 1254 28.10 16.09 -3.55
N SER A 1255 27.04 16.28 -2.74
CA SER A 1255 25.64 16.48 -3.20
C SER A 1255 25.48 17.88 -3.83
N ALA A 1256 26.33 18.84 -3.47
CA ALA A 1256 26.31 20.22 -4.01
C ALA A 1256 26.72 20.23 -5.49
N PHE A 1257 27.66 19.37 -5.90
CA PHE A 1257 28.13 19.24 -7.31
C PHE A 1257 27.00 18.71 -8.19
N LEU A 1258 26.38 17.61 -7.76
CA LEU A 1258 25.19 17.01 -8.41
C LEU A 1258 24.00 17.96 -8.25
N ARG A 1259 24.06 18.87 -7.27
CA ARG A 1259 23.02 19.88 -6.93
C ARG A 1259 21.68 19.14 -6.76
N LEU A 1260 21.67 18.20 -5.82
CA LEU A 1260 20.47 17.42 -5.39
C LEU A 1260 19.67 18.30 -4.43
N LEU A 1261 20.35 18.91 -3.46
CA LEU A 1261 19.79 19.97 -2.57
C LEU A 1261 19.96 21.34 -3.26
N ASN A 1262 19.09 22.30 -2.92
CA ASN A 1262 19.04 23.65 -3.55
C ASN A 1262 20.21 24.50 -3.04
N THR A 1263 20.92 25.18 -3.96
CA THR A 1263 22.17 25.92 -3.70
C THR A 1263 22.14 27.29 -4.39
N GLU A 1264 23.13 28.13 -4.07
CA GLU A 1264 23.35 29.46 -4.69
C GLU A 1264 24.85 29.65 -4.96
N GLY A 1265 25.19 30.36 -6.03
CA GLY A 1265 26.57 30.51 -6.55
C GLY A 1265 26.72 29.84 -7.91
N GLU A 1266 27.93 29.45 -8.27
CA GLU A 1266 28.21 28.72 -9.54
C GLU A 1266 29.45 27.84 -9.36
N ILE A 1267 29.41 26.64 -9.95
CA ILE A 1267 30.58 25.72 -10.09
C ILE A 1267 30.83 25.56 -11.59
N GLN A 1268 31.79 26.29 -12.14
CA GLN A 1268 32.11 26.21 -13.60
C GLN A 1268 33.20 25.15 -13.80
N ILE A 1269 33.04 24.32 -14.83
CA ILE A 1269 33.96 23.21 -15.23
C ILE A 1269 34.46 23.48 -16.66
N ASP A 1270 35.77 23.32 -16.87
CA ASP A 1270 36.49 23.51 -18.16
C ASP A 1270 36.01 24.80 -18.86
N GLY A 1271 35.85 25.87 -18.08
CA GLY A 1271 35.47 27.22 -18.54
C GLY A 1271 34.02 27.35 -18.96
N VAL A 1272 33.12 26.49 -18.45
CA VAL A 1272 31.65 26.59 -18.74
C VAL A 1272 30.85 26.21 -17.48
N SER A 1273 29.72 26.91 -17.26
CA SER A 1273 29.00 26.97 -15.96
C SER A 1273 27.71 26.15 -16.01
N TRP A 1274 27.04 26.04 -14.85
CA TRP A 1274 25.71 25.39 -14.68
C TRP A 1274 24.73 25.92 -15.73
N ASP A 1275 24.42 27.21 -15.64
CA ASP A 1275 23.28 27.87 -16.32
C ASP A 1275 23.41 27.71 -17.85
N SER A 1276 24.62 27.49 -18.37
CA SER A 1276 24.90 27.24 -19.80
C SER A 1276 24.27 25.92 -20.29
N ILE A 1277 24.00 24.95 -19.41
CA ILE A 1277 23.60 23.57 -19.81
C ILE A 1277 22.45 23.05 -18.92
N THR A 1278 21.70 22.06 -19.42
CA THR A 1278 20.62 21.35 -18.69
C THR A 1278 21.20 20.48 -17.57
N LEU A 1279 20.35 20.10 -16.61
CA LEU A 1279 20.75 19.43 -15.34
C LEU A 1279 21.09 17.95 -15.58
N GLN A 1280 20.28 17.25 -16.39
CA GLN A 1280 20.48 15.81 -16.73
C GLN A 1280 21.74 15.65 -17.60
N GLN A 1281 22.00 16.61 -18.51
CA GLN A 1281 23.24 16.62 -19.34
C GLN A 1281 24.43 16.96 -18.45
N TRP A 1282 24.21 17.76 -17.39
CA TRP A 1282 25.25 18.12 -16.39
C TRP A 1282 25.65 16.89 -15.56
N ARG A 1283 24.68 16.11 -15.07
CA ARG A 1283 24.93 14.99 -14.11
C ARG A 1283 25.65 13.83 -14.79
N LYS A 1284 25.63 13.73 -16.13
CA LYS A 1284 26.31 12.66 -16.90
C LYS A 1284 27.84 12.89 -16.92
N ALA A 1285 28.34 14.07 -16.56
CA ALA A 1285 29.79 14.36 -16.45
C ALA A 1285 30.42 13.55 -15.31
N PHE A 1286 29.75 13.48 -14.16
CA PHE A 1286 30.27 12.89 -12.91
C PHE A 1286 30.07 11.36 -12.91
N GLY A 1287 30.80 10.70 -12.02
CA GLY A 1287 30.72 9.25 -11.74
C GLY A 1287 30.74 9.01 -10.24
N VAL A 1288 29.64 8.53 -9.67
CA VAL A 1288 29.38 8.61 -8.20
C VAL A 1288 29.51 7.22 -7.56
N ILE A 1289 30.14 7.17 -6.37
CA ILE A 1289 29.98 6.07 -5.38
C ILE A 1289 29.31 6.69 -4.15
N PRO A 1290 27.97 6.55 -3.98
CA PRO A 1290 27.27 7.08 -2.80
C PRO A 1290 27.65 6.38 -1.47
N GLN A 1291 27.24 6.98 -0.35
CA GLN A 1291 27.52 6.44 1.01
C GLN A 1291 26.61 5.22 1.24
N LYS A 1292 25.29 5.40 1.14
CA LYS A 1292 24.30 4.29 1.24
C LYS A 1292 24.23 3.57 -0.11
N VAL A 1293 24.48 2.26 -0.12
CA VAL A 1293 24.51 1.41 -1.35
C VAL A 1293 23.06 1.03 -1.72
N PHE A 1294 22.75 0.99 -3.02
CA PHE A 1294 21.40 0.65 -3.55
C PHE A 1294 21.54 -0.54 -4.52
N ILE A 1295 20.92 -1.67 -4.18
CA ILE A 1295 20.90 -2.92 -4.99
C ILE A 1295 19.44 -3.39 -5.09
N PHE A 1296 18.79 -3.10 -6.21
CA PHE A 1296 17.38 -3.49 -6.48
C PHE A 1296 17.32 -4.98 -6.84
N SER A 1297 16.12 -5.55 -6.82
CA SER A 1297 15.86 -6.99 -7.11
C SER A 1297 16.04 -7.27 -8.61
N GLY A 1298 17.04 -8.08 -8.96
CA GLY A 1298 17.34 -8.47 -10.36
C GLY A 1298 18.64 -9.25 -10.46
N THR A 1299 19.11 -9.47 -11.69
CA THR A 1299 20.40 -10.16 -12.00
C THR A 1299 21.55 -9.20 -11.72
N PHE A 1300 22.77 -9.73 -11.57
CA PHE A 1300 24.01 -8.95 -11.34
C PHE A 1300 24.26 -7.99 -12.51
N ARG A 1301 24.07 -8.47 -13.75
CA ARG A 1301 24.27 -7.67 -14.99
C ARG A 1301 23.29 -6.50 -15.02
N LYS A 1302 22.09 -6.67 -14.43
CA LYS A 1302 21.05 -5.62 -14.37
C LYS A 1302 21.49 -4.52 -13.39
N ASN A 1303 22.03 -4.92 -12.23
CA ASN A 1303 22.59 -4.00 -11.20
C ASN A 1303 23.84 -3.29 -11.71
N LEU A 1304 24.73 -4.00 -12.40
CA LEU A 1304 26.02 -3.44 -12.89
C LEU A 1304 25.81 -2.51 -14.08
N ASP A 1305 24.74 -2.70 -14.87
CA ASP A 1305 24.32 -1.74 -15.94
C ASP A 1305 22.85 -2.01 -16.29
N PRO A 1306 21.89 -1.17 -15.83
CA PRO A 1306 20.48 -1.33 -16.23
C PRO A 1306 20.19 -1.10 -17.72
N TYR A 1307 20.94 -0.19 -18.37
CA TYR A 1307 20.73 0.18 -19.80
C TYR A 1307 21.23 -0.93 -20.74
N GLU A 1308 22.04 -1.87 -20.25
CA GLU A 1308 22.60 -3.03 -21.01
C GLU A 1308 23.42 -2.50 -22.18
N GLN A 1309 24.28 -1.51 -21.91
CA GLN A 1309 25.21 -0.89 -22.89
C GLN A 1309 26.39 -1.85 -23.10
N TRP A 1310 27.00 -2.28 -22.01
CA TRP A 1310 28.24 -3.11 -21.99
C TRP A 1310 27.89 -4.59 -22.22
N SER A 1311 28.80 -5.34 -22.85
CA SER A 1311 28.69 -6.80 -23.11
C SER A 1311 29.08 -7.59 -21.85
N ASP A 1312 28.89 -8.92 -21.89
CA ASP A 1312 29.31 -9.85 -20.81
C ASP A 1312 30.83 -9.87 -20.70
N GLN A 1313 31.51 -9.91 -21.85
CA GLN A 1313 33.00 -9.82 -21.94
C GLN A 1313 33.47 -8.56 -21.19
N GLU A 1314 32.77 -7.44 -21.38
CA GLU A 1314 33.06 -6.12 -20.75
C GLU A 1314 32.92 -6.23 -19.23
N ILE A 1315 31.79 -6.72 -18.74
CA ILE A 1315 31.44 -6.82 -17.28
C ILE A 1315 32.40 -7.81 -16.60
N TRP A 1316 32.66 -8.97 -17.23
CA TRP A 1316 33.65 -9.96 -16.74
C TRP A 1316 35.05 -9.33 -16.70
N LYS A 1317 35.39 -8.49 -17.68
CA LYS A 1317 36.68 -7.76 -17.76
C LYS A 1317 36.81 -6.82 -16.54
N VAL A 1318 35.73 -6.13 -16.16
CA VAL A 1318 35.70 -5.22 -14.96
C VAL A 1318 35.73 -6.05 -13.67
N ALA A 1319 34.99 -7.17 -13.64
CA ALA A 1319 34.70 -7.97 -12.43
C ALA A 1319 35.97 -8.53 -11.76
N ASP A 1320 37.05 -8.76 -12.52
CA ASP A 1320 38.32 -9.35 -12.02
C ASP A 1320 39.16 -8.29 -11.27
N GLU A 1321 39.17 -7.04 -11.76
CA GLU A 1321 40.04 -5.95 -11.26
C GLU A 1321 39.54 -5.52 -9.87
N VAL A 1322 38.22 -5.35 -9.72
CA VAL A 1322 37.55 -4.99 -8.43
C VAL A 1322 37.34 -6.26 -7.57
N GLY A 1323 37.39 -7.44 -8.18
CA GLY A 1323 37.43 -8.73 -7.45
C GLY A 1323 36.06 -9.17 -6.99
N LEU A 1324 35.18 -9.49 -7.94
CA LEU A 1324 33.91 -10.22 -7.71
C LEU A 1324 33.97 -11.55 -8.46
N ARG A 1325 35.18 -12.02 -8.78
CA ARG A 1325 35.43 -13.30 -9.49
C ARG A 1325 34.91 -14.44 -8.62
N SER A 1326 35.42 -14.55 -7.39
CA SER A 1326 35.07 -15.61 -6.40
C SER A 1326 33.68 -15.37 -5.81
N VAL A 1327 33.18 -14.12 -5.85
CA VAL A 1327 31.91 -13.70 -5.18
C VAL A 1327 30.72 -14.22 -6.00
N ILE A 1328 30.74 -13.96 -7.30
CA ILE A 1328 29.63 -14.30 -8.25
C ILE A 1328 29.59 -15.82 -8.48
N GLU A 1329 30.76 -16.43 -8.70
CA GLU A 1329 30.92 -17.89 -9.01
C GLU A 1329 30.31 -18.76 -7.92
N GLN A 1330 30.24 -18.26 -6.67
CA GLN A 1330 29.61 -18.94 -5.51
C GLN A 1330 28.14 -19.29 -5.82
N PHE A 1331 27.40 -18.39 -6.49
CA PHE A 1331 25.95 -18.53 -6.77
C PHE A 1331 25.73 -19.32 -8.05
N PRO A 1332 24.57 -20.00 -8.24
CA PRO A 1332 24.34 -20.88 -9.39
C PRO A 1332 24.35 -20.16 -10.75
N GLY A 1333 23.44 -19.21 -10.96
CA GLY A 1333 23.34 -18.42 -12.21
C GLY A 1333 24.38 -17.32 -12.24
N LYS A 1334 25.51 -17.54 -12.91
CA LYS A 1334 26.60 -16.53 -13.08
C LYS A 1334 26.05 -15.35 -13.88
N LEU A 1335 25.91 -14.19 -13.23
CA LEU A 1335 25.32 -12.93 -13.78
C LEU A 1335 23.85 -13.14 -14.18
N ASP A 1336 23.17 -14.14 -13.64
CA ASP A 1336 21.70 -14.36 -13.84
C ASP A 1336 21.03 -14.69 -12.51
N PHE A 1337 21.74 -14.62 -11.38
CA PHE A 1337 21.18 -14.92 -10.04
C PHE A 1337 20.35 -13.72 -9.59
N VAL A 1338 19.04 -13.94 -9.40
CA VAL A 1338 18.07 -12.88 -9.01
C VAL A 1338 18.30 -12.55 -7.53
N LEU A 1339 18.87 -11.37 -7.25
CA LEU A 1339 19.07 -10.86 -5.87
C LEU A 1339 17.69 -10.49 -5.28
N VAL A 1340 17.53 -10.66 -3.97
CA VAL A 1340 16.24 -10.45 -3.25
C VAL A 1340 16.50 -9.65 -1.97
N ASP A 1341 15.45 -9.09 -1.38
CA ASP A 1341 15.44 -8.46 -0.03
C ASP A 1341 16.50 -7.35 0.04
N GLY A 1342 16.69 -6.61 -1.06
CA GLY A 1342 17.72 -5.56 -1.19
C GLY A 1342 19.14 -6.11 -1.18
N GLY A 1343 19.35 -7.30 -1.74
CA GLY A 1343 20.68 -7.94 -1.85
C GLY A 1343 21.23 -8.36 -0.50
N CYS A 1344 20.41 -9.04 0.31
CA CYS A 1344 20.76 -9.57 1.65
C CYS A 1344 21.74 -10.74 1.52
N VAL A 1345 21.78 -11.38 0.35
CA VAL A 1345 22.62 -12.59 0.06
C VAL A 1345 24.09 -12.19 0.10
N LEU A 1346 24.44 -11.05 -0.52
CA LEU A 1346 25.82 -10.47 -0.49
C LEU A 1346 26.11 -9.92 0.90
N SER A 1347 27.39 -9.93 1.31
CA SER A 1347 27.90 -9.31 2.56
C SER A 1347 28.17 -7.82 2.31
N HIS A 1348 28.52 -7.09 3.36
CA HIS A 1348 28.61 -5.60 3.34
C HIS A 1348 29.81 -5.14 2.49
N GLY A 1349 30.92 -5.86 2.55
CA GLY A 1349 32.13 -5.58 1.75
C GLY A 1349 31.86 -5.69 0.26
N HIS A 1350 31.11 -6.71 -0.15
CA HIS A 1350 30.80 -7.01 -1.58
C HIS A 1350 29.92 -5.92 -2.17
N LYS A 1351 29.07 -5.28 -1.35
CA LYS A 1351 28.19 -4.17 -1.76
C LYS A 1351 29.02 -2.93 -2.12
N GLN A 1352 30.13 -2.69 -1.42
CA GLN A 1352 31.06 -1.56 -1.71
C GLN A 1352 31.77 -1.84 -3.03
N LEU A 1353 32.16 -3.10 -3.27
CA LEU A 1353 32.83 -3.55 -4.52
C LEU A 1353 31.82 -3.53 -5.68
N MET A 1354 30.55 -3.76 -5.40
CA MET A 1354 29.44 -3.69 -6.39
C MET A 1354 29.31 -2.24 -6.92
N CYS A 1355 29.35 -1.25 -6.03
CA CYS A 1355 29.25 0.20 -6.39
C CYS A 1355 30.52 0.67 -7.10
N LEU A 1356 31.67 0.06 -6.77
CA LEU A 1356 32.99 0.37 -7.38
C LEU A 1356 32.97 -0.05 -8.85
N ALA A 1357 32.58 -1.30 -9.13
CA ALA A 1357 32.44 -1.86 -10.49
C ALA A 1357 31.46 -1.03 -11.31
N ARG A 1358 30.37 -0.60 -10.67
CA ARG A 1358 29.28 0.22 -11.27
C ARG A 1358 29.86 1.56 -11.74
N SER A 1359 30.78 2.14 -10.95
CA SER A 1359 31.47 3.42 -11.28
C SER A 1359 32.58 3.18 -12.30
N VAL A 1360 33.30 2.05 -12.22
CA VAL A 1360 34.41 1.69 -13.16
C VAL A 1360 33.84 1.53 -14.57
N LEU A 1361 32.69 0.88 -14.72
CA LEU A 1361 31.99 0.68 -16.02
C LEU A 1361 31.69 2.06 -16.65
N SER A 1362 31.08 2.96 -15.89
CA SER A 1362 30.72 4.33 -16.32
C SER A 1362 31.99 5.18 -16.44
N LYS A 1363 32.66 5.13 -17.60
CA LYS A 1363 33.91 5.88 -17.87
C LYS A 1363 33.60 7.38 -17.87
N ALA A 1364 33.97 8.07 -16.79
CA ALA A 1364 33.70 9.52 -16.57
C ALA A 1364 35.02 10.24 -16.24
N LYS A 1365 35.23 11.43 -16.81
CA LYS A 1365 36.50 12.19 -16.67
C LYS A 1365 36.53 12.94 -15.34
N ILE A 1366 35.40 13.01 -14.62
CA ILE A 1366 35.36 13.38 -13.17
C ILE A 1366 34.56 12.31 -12.44
N LEU A 1367 35.02 11.88 -11.26
CA LEU A 1367 34.30 10.89 -10.42
C LEU A 1367 34.42 11.23 -8.94
N LEU A 1368 33.35 10.95 -8.18
CA LEU A 1368 33.13 11.34 -6.77
C LEU A 1368 32.90 10.08 -5.92
N LEU A 1369 33.72 9.90 -4.88
CA LEU A 1369 33.75 8.66 -4.06
C LEU A 1369 33.39 9.01 -2.61
N ASP A 1370 32.15 8.74 -2.19
CA ASP A 1370 31.70 8.99 -0.81
C ASP A 1370 32.05 7.76 0.05
N GLN A 1371 33.22 7.78 0.68
CA GLN A 1371 33.74 6.71 1.57
C GLN A 1371 33.66 5.36 0.87
N PRO A 1372 34.45 5.12 -0.21
CA PRO A 1372 34.44 3.84 -0.91
C PRO A 1372 34.71 2.64 0.00
N SER A 1373 35.73 2.74 0.84
CA SER A 1373 36.06 1.77 1.92
C SER A 1373 35.33 2.20 3.19
N ALA A 1374 34.32 1.42 3.60
CA ALA A 1374 33.50 1.68 4.80
C ALA A 1374 33.90 0.69 5.88
N HIS A 1375 33.75 -0.61 5.59
CA HIS A 1375 34.07 -1.72 6.53
C HIS A 1375 35.03 -2.71 5.84
N LEU A 1376 35.83 -2.24 4.88
CA LEU A 1376 36.89 -3.05 4.23
C LEU A 1376 38.12 -3.06 5.14
N ASP A 1377 38.72 -4.24 5.33
CA ASP A 1377 39.99 -4.41 6.09
C ASP A 1377 41.14 -3.94 5.21
N PRO A 1378 42.36 -3.73 5.76
CA PRO A 1378 43.52 -3.33 4.95
C PRO A 1378 43.88 -4.20 3.74
N VAL A 1379 43.53 -5.48 3.73
CA VAL A 1379 43.83 -6.43 2.62
C VAL A 1379 42.92 -6.10 1.43
N THR A 1380 41.61 -6.00 1.66
CA THR A 1380 40.59 -5.69 0.63
C THR A 1380 40.81 -4.28 0.07
N TYR A 1381 41.35 -3.35 0.87
CA TYR A 1381 41.57 -1.93 0.50
C TYR A 1381 42.63 -1.81 -0.62
N GLN A 1382 43.52 -2.80 -0.77
CA GLN A 1382 44.54 -2.81 -1.84
C GLN A 1382 43.82 -2.77 -3.21
N ILE A 1383 42.71 -3.50 -3.34
CA ILE A 1383 41.87 -3.54 -4.57
C ILE A 1383 41.44 -2.11 -4.94
N ILE A 1384 41.04 -1.30 -3.95
CA ILE A 1384 40.53 0.09 -4.14
C ILE A 1384 41.65 0.91 -4.80
N ARG A 1385 42.84 0.93 -4.19
CA ARG A 1385 44.02 1.69 -4.70
C ARG A 1385 44.54 1.04 -5.99
N ARG A 1386 44.45 -0.30 -6.10
CA ARG A 1386 44.80 -1.04 -7.33
C ARG A 1386 43.97 -0.46 -8.48
N THR A 1387 42.64 -0.41 -8.32
CA THR A 1387 41.70 0.04 -9.37
C THR A 1387 41.73 1.57 -9.50
N LEU A 1388 42.09 2.29 -8.43
CA LEU A 1388 42.12 3.78 -8.43
C LEU A 1388 43.36 4.28 -9.19
N LYS A 1389 44.50 3.60 -9.05
CA LYS A 1389 45.76 3.95 -9.78
C LYS A 1389 45.65 3.58 -11.26
N GLN A 1390 45.15 2.37 -11.57
CA GLN A 1390 45.20 1.75 -12.92
C GLN A 1390 44.09 2.33 -13.81
N ALA A 1391 42.81 2.08 -13.46
CA ALA A 1391 41.62 2.38 -14.29
C ALA A 1391 41.42 3.90 -14.38
N PHE A 1392 41.35 4.58 -13.23
CA PHE A 1392 41.15 6.06 -13.15
C PHE A 1392 42.49 6.76 -13.36
N ALA A 1393 42.96 6.77 -14.61
CA ALA A 1393 44.33 7.21 -15.01
C ALA A 1393 44.39 8.73 -15.06
N ASP A 1394 43.67 9.35 -16.01
CA ASP A 1394 43.78 10.79 -16.35
C ASP A 1394 42.72 11.60 -15.61
N CYS A 1395 41.57 11.00 -15.28
CA CYS A 1395 40.40 11.68 -14.65
C CYS A 1395 40.75 12.16 -13.24
N THR A 1396 40.22 13.33 -12.86
CA THR A 1396 40.35 13.91 -11.50
C THR A 1396 39.43 13.14 -10.55
N VAL A 1397 39.84 13.02 -9.29
CA VAL A 1397 39.18 12.20 -8.24
C VAL A 1397 38.96 13.08 -7.02
N ILE A 1398 37.73 13.16 -6.51
CA ILE A 1398 37.44 13.70 -5.15
C ILE A 1398 37.17 12.50 -4.24
N LEU A 1399 38.13 12.18 -3.36
CA LEU A 1399 38.06 11.00 -2.47
C LEU A 1399 37.69 11.46 -1.05
N CYS A 1400 36.44 11.22 -0.66
CA CYS A 1400 35.91 11.43 0.73
C CYS A 1400 36.12 10.13 1.53
N GLU A 1401 37.04 10.15 2.49
CA GLU A 1401 37.46 8.92 3.23
C GLU A 1401 37.98 9.28 4.63
N HIS A 1402 37.79 8.37 5.58
CA HIS A 1402 38.19 8.52 7.00
C HIS A 1402 39.57 7.92 7.24
N ARG A 1403 39.87 6.76 6.63
CA ARG A 1403 41.16 6.04 6.83
C ARG A 1403 42.30 6.90 6.26
N ILE A 1404 43.41 6.95 6.99
CA ILE A 1404 44.54 7.90 6.74
C ILE A 1404 45.45 7.31 5.64
N GLU A 1405 45.38 6.00 5.41
CA GLU A 1405 46.15 5.28 4.35
C GLU A 1405 45.81 5.87 2.97
N ALA A 1406 44.56 6.32 2.77
CA ALA A 1406 44.06 6.87 1.48
C ALA A 1406 44.70 8.25 1.18
N MET A 1407 45.19 8.95 2.20
CA MET A 1407 45.73 10.33 2.03
C MET A 1407 47.09 10.30 1.31
N LEU A 1408 47.79 9.15 1.30
CA LEU A 1408 49.09 9.01 0.60
C LEU A 1408 48.92 9.17 -0.92
N GLU A 1409 47.74 8.81 -1.46
CA GLU A 1409 47.46 8.85 -2.92
C GLU A 1409 47.33 10.30 -3.42
N CYS A 1410 46.32 11.03 -2.94
CA CYS A 1410 45.86 12.32 -3.52
C CYS A 1410 46.78 13.47 -3.10
N GLN A 1411 46.87 14.50 -3.95
CA GLN A 1411 47.73 15.71 -3.79
C GLN A 1411 47.04 16.71 -2.86
N GLN A 1412 46.06 17.48 -3.35
CA GLN A 1412 45.40 18.59 -2.59
C GLN A 1412 44.44 18.00 -1.56
N PHE A 1413 44.32 18.64 -0.39
CA PHE A 1413 43.36 18.25 0.67
C PHE A 1413 42.37 19.38 0.95
N LEU A 1414 41.08 19.03 1.07
CA LEU A 1414 39.99 19.93 1.51
C LEU A 1414 39.50 19.49 2.88
N VAL A 1415 39.66 20.32 3.91
CA VAL A 1415 39.17 20.05 5.30
C VAL A 1415 37.94 20.90 5.56
N ILE A 1416 36.90 20.31 6.16
CA ILE A 1416 35.59 20.98 6.42
C ILE A 1416 35.40 21.11 7.93
N GLU A 1417 35.04 22.30 8.40
CA GLU A 1417 34.68 22.60 9.82
C GLU A 1417 34.03 23.99 9.91
N GLU A 1418 33.19 24.20 10.93
CA GLU A 1418 32.55 25.50 11.24
C GLU A 1418 31.79 26.01 10.00
N ASN A 1419 31.19 25.10 9.22
CA ASN A 1419 30.39 25.41 8.00
C ASN A 1419 31.23 26.15 6.95
N LYS A 1420 32.53 25.85 6.85
CA LYS A 1420 33.47 26.48 5.88
C LYS A 1420 34.57 25.49 5.50
N VAL A 1421 35.36 25.80 4.47
CA VAL A 1421 36.42 24.91 3.92
C VAL A 1421 37.80 25.51 4.21
N ARG A 1422 38.83 24.65 4.15
CA ARG A 1422 40.27 25.01 4.11
C ARG A 1422 40.96 24.07 3.14
N GLN A 1423 41.83 24.59 2.27
CA GLN A 1423 42.55 23.77 1.26
C GLN A 1423 44.04 23.75 1.61
N TYR A 1424 44.68 22.59 1.45
CA TYR A 1424 46.11 22.35 1.77
C TYR A 1424 46.77 21.59 0.62
N ASP A 1425 48.09 21.82 0.45
CA ASP A 1425 48.93 21.21 -0.62
C ASP A 1425 49.54 19.90 -0.09
N SER A 1426 50.29 19.98 1.00
CA SER A 1426 51.00 18.85 1.65
C SER A 1426 50.15 18.33 2.82
N ILE A 1427 50.49 17.14 3.33
CA ILE A 1427 49.83 16.49 4.50
C ILE A 1427 50.54 16.94 5.79
N GLN A 1428 51.87 17.13 5.73
CA GLN A 1428 52.69 17.51 6.91
C GLN A 1428 52.11 18.79 7.55
N LYS A 1429 51.86 19.82 6.74
CA LYS A 1429 51.29 21.14 7.17
C LYS A 1429 49.94 20.92 7.86
N LEU A 1430 49.03 20.19 7.17
CA LEU A 1430 47.60 19.99 7.56
C LEU A 1430 47.51 19.34 8.95
N LEU A 1431 48.20 18.20 9.13
CA LEU A 1431 48.24 17.43 10.40
C LEU A 1431 48.95 18.23 11.50
N ASN A 1432 49.87 19.13 11.13
CA ASN A 1432 50.68 19.95 12.07
C ASN A 1432 49.77 20.89 12.88
N GLU A 1433 48.83 21.57 12.22
CA GLU A 1433 47.90 22.55 12.85
C GLU A 1433 47.11 21.86 13.97
N ARG A 1434 46.47 20.73 13.65
CA ARG A 1434 45.62 19.94 14.60
C ARG A 1434 46.49 18.89 15.28
N SER A 1435 46.51 18.85 16.61
CA SER A 1435 47.32 17.91 17.43
C SER A 1435 46.52 16.65 17.78
N LEU A 1436 45.28 16.83 18.25
CA LEU A 1436 44.38 15.72 18.69
C LEU A 1436 44.13 14.77 17.52
N PHE A 1437 43.87 15.30 16.32
CA PHE A 1437 43.64 14.54 15.07
C PHE A 1437 44.92 13.80 14.67
N ARG A 1438 46.10 14.43 14.86
CA ARG A 1438 47.43 13.85 14.54
C ARG A 1438 47.75 12.75 15.56
N GLN A 1439 47.27 12.89 16.80
CA GLN A 1439 47.50 11.92 17.91
C GLN A 1439 46.55 10.73 17.75
N ALA A 1440 45.45 10.88 16.99
CA ALA A 1440 44.47 9.80 16.72
C ALA A 1440 45.02 8.81 15.68
N ILE A 1441 45.99 9.23 14.86
CA ILE A 1441 46.61 8.41 13.78
C ILE A 1441 47.20 7.14 14.41
N SER A 1442 46.93 5.98 13.79
CA SER A 1442 47.40 4.64 14.23
C SER A 1442 48.92 4.57 14.13
N PRO A 1443 49.63 3.83 15.03
CA PRO A 1443 51.08 3.71 14.96
C PRO A 1443 51.59 3.17 13.61
N SER A 1444 50.88 2.17 13.07
CA SER A 1444 51.15 1.53 11.75
C SER A 1444 50.94 2.54 10.61
N ASP A 1445 49.98 3.46 10.75
CA ASP A 1445 49.65 4.49 9.72
C ASP A 1445 50.48 5.76 9.96
N ARG A 1446 51.15 5.86 11.11
CA ARG A 1446 52.01 7.03 11.50
C ARG A 1446 53.40 6.85 10.89
N VAL A 1447 53.83 5.60 10.62
CA VAL A 1447 55.15 5.28 10.02
C VAL A 1447 55.08 5.47 8.49
N LYS A 1448 53.87 5.52 7.92
CA LYS A 1448 53.62 5.72 6.46
C LYS A 1448 53.67 7.21 6.13
N LEU A 1449 52.84 8.02 6.81
CA LEU A 1449 52.71 9.49 6.59
C LEU A 1449 54.09 10.16 6.78
N PHE A 1450 54.69 9.96 7.96
CA PHE A 1450 56.02 10.49 8.34
C PHE A 1450 57.06 9.38 8.15
N PRO A 1451 58.07 9.56 7.27
CA PRO A 1451 59.07 8.51 7.02
C PRO A 1451 60.13 8.45 8.12
N UNK B 1 5.66 2.72 30.95
CA UNK B 1 5.63 2.38 29.49
C UNK B 1 4.33 2.90 28.86
N UNK B 2 4.45 3.82 27.88
CA UNK B 2 3.32 4.37 27.09
C UNK B 2 2.86 3.29 26.08
N UNK B 3 2.12 2.30 26.58
CA UNK B 3 1.59 1.14 25.81
C UNK B 3 0.06 1.24 25.70
N UNK B 4 -0.51 2.44 25.80
CA UNK B 4 -1.95 2.71 25.64
C UNK B 4 -2.30 2.66 24.15
N UNK B 5 -2.85 1.52 23.68
CA UNK B 5 -3.27 1.30 22.28
C UNK B 5 -4.60 2.03 22.05
N UNK B 6 -4.53 3.34 21.82
CA UNK B 6 -5.68 4.24 21.52
C UNK B 6 -5.21 5.44 20.71
N UNK B 7 -6.04 5.95 19.80
CA UNK B 7 -5.76 7.16 18.98
C UNK B 7 -5.74 8.38 19.90
N UNK B 8 -4.71 9.23 19.76
CA UNK B 8 -4.48 10.45 20.57
C UNK B 8 -4.58 11.69 19.68
N UNK B 9 -4.84 12.86 20.29
CA UNK B 9 -5.02 14.17 19.65
C UNK B 9 -3.85 14.49 18.71
N UNK B 10 -2.61 14.21 19.14
CA UNK B 10 -1.35 14.44 18.38
C UNK B 10 -1.27 13.47 17.18
N UNK B 11 -1.55 12.19 17.41
CA UNK B 11 -1.37 11.08 16.42
C UNK B 11 -2.22 11.34 15.17
N UNK B 12 -3.50 11.68 15.36
CA UNK B 12 -4.50 11.88 14.28
C UNK B 12 -4.14 13.10 13.42
N UNK B 13 -3.48 14.13 14.00
CA UNK B 13 -3.02 15.34 13.28
C UNK B 13 -1.95 14.98 12.24
N UNK B 14 -1.08 14.01 12.56
CA UNK B 14 -0.02 13.48 11.66
C UNK B 14 -0.68 12.69 10.51
N UNK B 15 -1.66 11.85 10.82
CA UNK B 15 -2.39 11.00 9.83
C UNK B 15 -3.28 11.86 8.93
N UNK B 16 -3.92 12.91 9.48
CA UNK B 16 -4.81 13.84 8.74
C UNK B 16 -3.98 14.70 7.78
N UNK B 17 -2.93 15.36 8.27
CA UNK B 17 -1.99 16.21 7.48
C UNK B 17 -2.76 17.24 6.65
#